data_8HDD
#
_entry.id   8HDD
#
_cell.length_a   204.015
_cell.length_b   71.797
_cell.length_c   114.221
_cell.angle_alpha   90.00
_cell.angle_beta   90.00
_cell.angle_gamma   90.00
#
_symmetry.space_group_name_H-M   'P 21 21 2'
#
loop_
_entity.id
_entity.type
_entity.pdbx_description
1 polymer 'Glucose dehydrogenase'
2 polymer 'Glucose dehydrogenase beta subunit'
3 polymer 'Twin-arginine translocation pathway signal'
4 non-polymer 'FLAVIN-ADENINE DINUCLEOTIDE'
5 non-polymer 'FE3-S4 CLUSTER'
6 non-polymer 'PROTOPORPHYRIN IX CONTAINING FE'
#
loop_
_entity_poly.entity_id
_entity_poly.type
_entity_poly.pdbx_seq_one_letter_code
_entity_poly.pdbx_strand_id
1 'polypeptide(L)'
;MADTDTQKADVVVVGSGVAGAIVAHQLAMAGKAVILLEAGPRMPRWEIVERFRNQPDKMDFMAPYPSSPWAPHPEYGPPN
DYLILKGEHKFNSQYIRAVGGTTWHWAASAWRFIPNDFKMKSVYGVGRDWPIQYDDLEPYYQRAEEELGVWGPGPEEDLY
SPRKQPYPMPPLPLSFNEQTIKTALNNYDPKFHVVTEPVARNSRPYDGRPTCCGNNNCMPICPIGAMYNGIVHVEKAERA
GAKLIENAVVYKLETGPDKRIVAALYKDKTGAEHRVEGKYFVLAANGIETPKILLMSANRDFPNGVANSSDMVGRNLMDH
PGTGVSFYASEKLWPGRGPQEMTSLIGFRDGPFRATEAAKKIHLSNLSRIDQETQKIFKAGKLMKPDELDAQIRDRSARY
VQFDCFHEILPQPENRIVPSKTATDAIGIPRPEITYAIDDYVKRGAAHTREVYATAAKVLGGTDVVFNDEFAPNNHITGS
TIMGADARDSVVDKDCRTFDHPNLFISSSATMPTVGTVNVTLTIAALALRMSDTLKKEV
;
A
2 'polypeptide(L)'
;MGKSTLTFLIAGCLALPGFARAADAADPALVKRGEYLATAGDCMACHTVKGGKPYAGGLGMPVPMLGKIYTSNITPDPDT
GIGKWTFEDFERAVRHGVSKNGDNLYPAMPYVSYAKITDDDVRALYAYFMHGVEPVKQAPPKNEIPALLSMRWPLKIWNW
LFLKDGPYQPKPSQSAEWNRGAYLVQGLAHCSTCHTPRGIAMQEKSLDETGGSFLAGSVLAGWDGYNITSDPNAGIGSWT
QQQLVQYLRTGSVPGVAQAAGPMAEAVEHSFSKMTEADIGAIATYVRTVPAVADSNAKQPRSSWGKPAEDGLKLRGVALA
SSGIDPARLYLGNCATCHQMQGKGTPDGYYPSLFHNSTVGASNPSNLVQVILNGVQRKIGSEDIGMPAFRYDLNDAQIAA
LTNYVTAQFGNPAAKVTEQDVAKLRSGGPVPLLVRVRPLMLPGAVVVVLIALLGVAFWWRRRQRTPLANPPQGKAGHHHH
HH
;
B
3 'polypeptide(L)'
;DNPGTAPLDTFMTLSESLTGKKGLSRVIGERLLQALQKGSFKTADSLPQLAGALASGSLTPEQESLALTILEAWYLGIVD
NVVITYEEALMFGVVSDTLVIRSYCPNKPGFWADKPIERQA
;
C
#
loop_
_chem_comp.id
_chem_comp.type
_chem_comp.name
_chem_comp.formula
F3S non-polymer 'FE3-S4 CLUSTER' 'Fe3 S4'
FAD non-polymer 'FLAVIN-ADENINE DINUCLEOTIDE' 'C27 H33 N9 O15 P2'
HEM non-polymer 'PROTOPORPHYRIN IX CONTAINING FE' 'C34 H32 Fe N4 O4'
#
# COMPACT_ATOMS: atom_id res chain seq x y z
N ASP A 10 -1.83 27.53 -18.05
CA ASP A 10 -2.20 26.81 -19.30
C ASP A 10 -3.05 25.59 -18.93
N VAL A 11 -2.53 24.72 -18.07
CA VAL A 11 -3.22 23.49 -17.58
C VAL A 11 -3.31 23.54 -16.06
N VAL A 12 -4.51 23.30 -15.52
CA VAL A 12 -4.79 23.21 -14.05
C VAL A 12 -5.24 21.77 -13.75
N VAL A 13 -4.41 21.00 -13.05
CA VAL A 13 -4.67 19.57 -12.72
C VAL A 13 -5.14 19.48 -11.27
N VAL A 14 -6.32 18.90 -11.05
CA VAL A 14 -6.95 18.71 -9.70
C VAL A 14 -6.73 17.26 -9.27
N GLY A 15 -6.05 17.06 -8.14
CA GLY A 15 -5.64 15.74 -7.63
C GLY A 15 -4.25 15.37 -8.12
N SER A 16 -3.34 15.06 -7.20
CA SER A 16 -1.92 14.73 -7.49
C SER A 16 -1.71 13.22 -7.43
N GLY A 17 -2.79 12.44 -7.60
CA GLY A 17 -2.75 10.97 -7.73
C GLY A 17 -2.13 10.56 -9.05
N VAL A 18 -1.58 9.34 -9.12
CA VAL A 18 -0.87 8.80 -10.31
C VAL A 18 -1.44 9.46 -11.57
N ALA A 19 -2.77 9.40 -11.75
CA ALA A 19 -3.49 9.96 -12.92
C ALA A 19 -2.99 11.38 -13.22
N GLY A 20 -3.36 12.35 -12.37
CA GLY A 20 -3.02 13.78 -12.52
C GLY A 20 -1.52 14.02 -12.55
N ALA A 21 -0.78 13.35 -11.65
CA ALA A 21 0.70 13.42 -11.54
C ALA A 21 1.32 13.34 -12.93
N ILE A 22 1.02 12.25 -13.66
CA ILE A 22 1.54 11.98 -15.03
C ILE A 22 1.25 13.19 -15.92
N VAL A 23 -0.03 13.56 -16.06
CA VAL A 23 -0.51 14.68 -16.93
C VAL A 23 0.35 15.91 -16.64
N ALA A 24 0.42 16.34 -15.38
CA ALA A 24 1.24 17.49 -14.92
C ALA A 24 2.65 17.36 -15.50
N HIS A 25 3.32 16.24 -15.22
CA HIS A 25 4.70 15.91 -15.68
C HIS A 25 4.82 16.16 -17.19
N GLN A 26 3.96 15.52 -17.99
CA GLN A 26 4.01 15.54 -19.47
C GLN A 26 4.04 16.99 -19.97
N LEU A 27 2.99 17.76 -19.68
CA LEU A 27 2.83 19.16 -20.18
C LEU A 27 3.89 20.05 -19.51
N ALA A 28 4.27 19.73 -18.28
CA ALA A 28 5.39 20.37 -17.55
C ALA A 28 6.66 20.24 -18.39
N MET A 29 6.86 19.07 -19.01
CA MET A 29 8.02 18.77 -19.88
C MET A 29 7.89 19.57 -21.19
N ALA A 30 6.66 19.66 -21.73
CA ALA A 30 6.34 20.33 -23.01
C ALA A 30 6.64 21.83 -22.90
N GLY A 31 7.01 22.29 -21.71
CA GLY A 31 7.34 23.70 -21.44
C GLY A 31 6.11 24.53 -21.14
N LYS A 32 4.99 23.86 -20.84
CA LYS A 32 3.69 24.50 -20.49
C LYS A 32 3.67 24.81 -18.99
N ALA A 33 3.10 25.97 -18.62
CA ALA A 33 2.85 26.37 -17.22
C ALA A 33 1.67 25.55 -16.69
N VAL A 34 1.89 24.81 -15.59
CA VAL A 34 0.89 23.88 -14.99
C VAL A 34 0.68 24.26 -13.52
N ILE A 35 -0.50 23.93 -12.97
CA ILE A 35 -0.85 24.05 -11.53
C ILE A 35 -1.48 22.74 -11.07
N LEU A 36 -0.81 22.04 -10.15
CA LEU A 36 -1.30 20.76 -9.56
C LEU A 36 -1.98 21.07 -8.22
N LEU A 37 -3.31 20.94 -8.17
CA LEU A 37 -4.14 21.21 -6.97
C LEU A 37 -4.30 19.92 -6.16
N GLU A 38 -3.87 19.96 -4.89
CA GLU A 38 -3.81 18.78 -3.99
C GLU A 38 -4.63 19.08 -2.73
N ALA A 39 -5.70 18.31 -2.50
CA ALA A 39 -6.67 18.48 -1.40
C ALA A 39 -5.97 18.31 -0.05
N GLY A 40 -5.23 17.21 0.12
CA GLY A 40 -4.56 16.83 1.37
C GLY A 40 -3.14 17.40 1.46
N PRO A 41 -2.44 17.16 2.59
CA PRO A 41 -1.07 17.64 2.77
C PRO A 41 -0.03 16.63 2.27
N ARG A 42 1.23 17.06 2.11
CA ARG A 42 2.36 16.21 1.68
C ARG A 42 2.95 15.52 2.91
N MET A 43 2.78 14.20 3.01
CA MET A 43 3.38 13.36 4.09
C MET A 43 4.62 12.68 3.54
N PRO A 44 5.80 12.85 4.19
CA PRO A 44 7.05 12.26 3.70
C PRO A 44 7.15 10.77 4.02
N ARG A 45 7.92 10.02 3.21
CA ARG A 45 8.09 8.55 3.32
C ARG A 45 8.34 8.17 4.78
N TRP A 46 9.47 8.61 5.33
CA TRP A 46 9.98 8.20 6.68
C TRP A 46 8.86 8.25 7.71
N GLU A 47 8.09 9.35 7.74
CA GLU A 47 7.04 9.62 8.75
C GLU A 47 5.97 8.52 8.70
N ILE A 48 5.50 8.18 7.49
CA ILE A 48 4.40 7.19 7.26
C ILE A 48 4.77 5.85 7.90
N VAL A 49 5.95 5.32 7.56
CA VAL A 49 6.44 3.98 8.01
C VAL A 49 6.29 3.88 9.53
N GLU A 50 6.86 4.83 10.27
CA GLU A 50 6.90 4.84 11.75
C GLU A 50 5.47 4.81 12.31
N ARG A 51 4.56 5.57 11.70
CA ARG A 51 3.12 5.56 12.06
C ARG A 51 2.61 4.11 12.00
N PHE A 52 2.88 3.42 10.90
CA PHE A 52 2.52 1.99 10.66
C PHE A 52 3.18 1.13 11.75
N ARG A 53 4.52 1.17 11.83
CA ARG A 53 5.31 0.37 12.79
C ARG A 53 4.75 0.56 14.20
N ASN A 54 4.01 1.66 14.42
CA ASN A 54 3.51 2.08 15.76
C ASN A 54 2.05 1.62 15.93
N GLN A 55 1.35 1.30 14.84
CA GLN A 55 -0.09 0.96 14.86
C GLN A 55 -0.28 -0.44 15.41
N PRO A 56 -1.27 -0.65 16.31
CA PRO A 56 -1.57 -1.98 16.86
C PRO A 56 -2.13 -2.98 15.84
N ASP A 57 -2.85 -2.49 14.82
CA ASP A 57 -3.44 -3.32 13.73
C ASP A 57 -2.74 -2.94 12.41
N LYS A 58 -1.90 -3.83 11.89
CA LYS A 58 -1.10 -3.62 10.65
C LYS A 58 -1.82 -4.30 9.47
N MET A 59 -3.12 -4.53 9.60
CA MET A 59 -4.02 -5.04 8.53
C MET A 59 -4.96 -3.91 8.09
N ASP A 60 -4.90 -2.76 8.79
CA ASP A 60 -5.63 -1.51 8.45
C ASP A 60 -4.66 -0.60 7.66
N PHE A 61 -4.84 -0.52 6.34
CA PHE A 61 -3.87 0.04 5.38
C PHE A 61 -4.12 1.55 5.18
N MET A 62 -5.11 2.11 5.86
CA MET A 62 -5.44 3.56 5.81
C MET A 62 -4.99 4.23 7.11
N ALA A 63 -4.65 3.42 8.12
CA ALA A 63 -4.31 3.86 9.50
C ALA A 63 -3.17 4.86 9.48
N PRO A 64 -2.04 4.55 8.81
CA PRO A 64 -0.85 5.40 8.87
C PRO A 64 -0.98 6.69 8.05
N TYR A 65 -2.16 6.91 7.46
CA TYR A 65 -2.50 8.11 6.65
C TYR A 65 -3.59 8.90 7.38
N PRO A 66 -3.23 9.94 8.15
CA PRO A 66 -4.20 10.72 8.92
C PRO A 66 -5.13 11.55 8.03
N SER A 67 -6.45 11.42 8.24
CA SER A 67 -7.51 12.14 7.49
C SER A 67 -7.59 13.59 7.97
N SER A 68 -6.77 14.48 7.39
CA SER A 68 -6.72 15.93 7.70
C SER A 68 -8.13 16.51 7.65
N PRO A 69 -8.59 17.19 8.72
CA PRO A 69 -9.97 17.64 8.83
C PRO A 69 -10.53 18.26 7.53
N TRP A 70 -9.72 19.05 6.83
CA TRP A 70 -10.14 19.80 5.61
C TRP A 70 -10.27 18.85 4.41
N ALA A 71 -9.42 17.83 4.34
CA ALA A 71 -9.40 16.82 3.26
C ALA A 71 -9.58 15.42 3.83
N PRO A 72 -10.74 15.13 4.44
CA PRO A 72 -10.99 13.83 5.06
C PRO A 72 -11.19 12.71 4.03
N HIS A 73 -10.96 11.46 4.44
CA HIS A 73 -11.12 10.24 3.60
C HIS A 73 -11.52 9.06 4.48
N PRO A 74 -11.93 7.92 3.89
CA PRO A 74 -12.39 6.77 4.66
C PRO A 74 -11.35 6.29 5.68
N GLU A 75 -11.82 5.80 6.84
CA GLU A 75 -11.00 5.25 7.95
C GLU A 75 -11.88 4.32 8.78
N TYR A 76 -11.55 3.03 8.85
CA TYR A 76 -12.38 1.96 9.46
C TYR A 76 -11.69 1.39 10.71
N GLY A 77 -10.77 2.16 11.31
CA GLY A 77 -10.02 1.76 12.51
C GLY A 77 -9.86 2.90 13.51
N PRO A 78 -10.95 3.33 14.19
CA PRO A 78 -12.28 2.80 13.94
C PRO A 78 -13.02 3.59 12.86
N PRO A 79 -14.29 3.24 12.54
CA PRO A 79 -15.04 3.92 11.48
C PRO A 79 -15.14 5.43 11.71
N ASN A 80 -14.60 6.23 10.78
CA ASN A 80 -14.70 7.72 10.79
C ASN A 80 -15.93 8.12 9.96
N ASP A 81 -16.66 7.13 9.44
CA ASP A 81 -17.97 7.29 8.77
C ASP A 81 -17.97 8.50 7.83
N TYR A 82 -16.83 8.78 7.18
CA TYR A 82 -16.67 9.90 6.22
C TYR A 82 -17.53 9.64 4.98
N LEU A 83 -17.87 8.38 4.72
CA LEU A 83 -18.71 7.96 3.56
C LEU A 83 -20.13 7.62 4.06
N ILE A 84 -21.15 8.22 3.43
CA ILE A 84 -22.58 7.90 3.65
C ILE A 84 -22.95 6.75 2.69
N LEU A 85 -23.04 5.53 3.21
CA LEU A 85 -23.30 4.30 2.42
C LEU A 85 -24.75 3.85 2.64
N LYS A 86 -25.44 3.51 1.55
CA LYS A 86 -26.83 2.97 1.57
C LYS A 86 -27.04 2.08 0.34
N GLY A 87 -28.11 1.28 0.35
CA GLY A 87 -28.45 0.31 -0.71
C GLY A 87 -28.42 -1.11 -0.18
N GLU A 88 -28.10 -2.07 -1.06
CA GLU A 88 -28.02 -3.52 -0.74
C GLU A 88 -26.69 -3.80 -0.02
N HIS A 89 -25.58 -3.35 -0.63
CA HIS A 89 -24.19 -3.54 -0.12
C HIS A 89 -23.53 -2.18 0.09
N LYS A 90 -22.90 -1.97 1.26
CA LYS A 90 -22.18 -0.72 1.61
C LYS A 90 -20.85 -0.67 0.87
N PHE A 91 -20.63 0.38 0.07
CA PHE A 91 -19.42 0.60 -0.77
C PHE A 91 -18.26 1.07 0.11
N ASN A 92 -17.79 0.19 1.01
CA ASN A 92 -16.76 0.50 2.04
C ASN A 92 -15.36 0.40 1.40
N SER A 93 -15.15 1.08 0.27
CA SER A 93 -13.83 1.23 -0.40
C SER A 93 -12.99 2.25 0.36
N GLN A 94 -11.76 2.51 -0.08
CA GLN A 94 -10.83 3.46 0.57
C GLN A 94 -9.92 4.10 -0.47
N TYR A 95 -9.63 5.40 -0.28
CA TYR A 95 -8.61 6.18 -1.03
C TYR A 95 -7.81 7.03 -0.03
N ILE A 96 -6.71 7.63 -0.48
CA ILE A 96 -5.79 8.46 0.36
C ILE A 96 -5.72 9.88 -0.21
N ARG A 97 -6.31 10.85 0.48
CA ARG A 97 -6.20 12.30 0.15
C ARG A 97 -4.91 12.84 0.76
N ALA A 98 -3.84 12.93 -0.04
CA ALA A 98 -2.51 13.42 0.34
C ALA A 98 -1.63 13.52 -0.92
N VAL A 99 -0.66 14.41 -0.94
CA VAL A 99 0.28 14.61 -2.08
C VAL A 99 0.93 13.26 -2.41
N GLY A 100 0.46 12.61 -3.48
CA GLY A 100 0.99 11.31 -3.95
C GLY A 100 -0.12 10.34 -4.34
N GLY A 101 -1.33 10.57 -3.83
CA GLY A 101 -2.52 9.77 -4.17
C GLY A 101 -2.61 8.48 -3.38
N THR A 102 -3.49 7.56 -3.80
CA THR A 102 -3.82 6.29 -3.10
C THR A 102 -2.76 5.23 -3.46
N THR A 103 -1.84 5.56 -4.36
CA THR A 103 -0.73 4.66 -4.82
C THR A 103 0.33 4.56 -3.72
N TRP A 104 0.16 5.31 -2.63
CA TRP A 104 1.03 5.23 -1.42
C TRP A 104 0.82 3.88 -0.74
N HIS A 105 -0.38 3.31 -0.85
CA HIS A 105 -0.83 2.13 -0.06
C HIS A 105 -1.31 0.99 -0.98
N TRP A 106 -1.04 1.07 -2.28
CA TRP A 106 -1.47 0.05 -3.29
C TRP A 106 -0.47 -1.12 -3.30
N ALA A 107 -0.82 -2.19 -4.01
CA ALA A 107 -0.06 -3.47 -4.05
C ALA A 107 0.90 -3.49 -5.24
N ALA A 108 0.77 -2.52 -6.15
CA ALA A 108 1.67 -2.29 -7.31
C ALA A 108 1.43 -3.37 -8.38
N SER A 109 0.25 -4.00 -8.37
CA SER A 109 -0.19 -5.03 -9.35
C SER A 109 -0.61 -4.34 -10.66
N ALA A 110 0.28 -4.31 -11.66
CA ALA A 110 0.09 -3.64 -12.97
C ALA A 110 -0.48 -4.64 -13.98
N TRP A 111 -1.81 -4.73 -14.07
CA TRP A 111 -2.54 -5.67 -14.96
C TRP A 111 -3.11 -4.92 -16.17
N ARG A 112 -3.10 -5.58 -17.33
CA ARG A 112 -3.69 -5.07 -18.59
C ARG A 112 -5.09 -5.66 -18.76
N PHE A 113 -6.03 -4.87 -19.28
CA PHE A 113 -7.38 -5.32 -19.71
C PHE A 113 -7.25 -6.12 -21.00
N ILE A 114 -7.80 -7.33 -21.02
CA ILE A 114 -7.78 -8.26 -22.19
C ILE A 114 -8.72 -7.70 -23.26
N PRO A 115 -8.33 -7.78 -24.56
CA PRO A 115 -9.12 -7.22 -25.65
C PRO A 115 -10.64 -7.24 -25.45
N ASN A 116 -11.20 -8.40 -25.11
CA ASN A 116 -12.67 -8.65 -25.00
C ASN A 116 -13.30 -7.69 -23.98
N ASP A 117 -12.51 -7.18 -23.02
CA ASP A 117 -12.96 -6.24 -21.96
C ASP A 117 -13.49 -4.96 -22.62
N PHE A 118 -12.92 -4.59 -23.77
CA PHE A 118 -13.18 -3.32 -24.49
C PHE A 118 -14.35 -3.47 -25.47
N LYS A 119 -15.19 -4.49 -25.28
CA LYS A 119 -16.34 -4.79 -26.17
C LYS A 119 -17.17 -5.92 -25.54
N MET A 120 -17.72 -5.67 -24.34
CA MET A 120 -18.47 -6.66 -23.53
C MET A 120 -19.83 -6.96 -24.17
N LYS A 121 -20.61 -5.91 -24.44
CA LYS A 121 -21.99 -6.03 -25.01
C LYS A 121 -21.90 -6.51 -26.46
N SER A 122 -20.87 -6.06 -27.20
CA SER A 122 -20.64 -6.39 -28.62
C SER A 122 -20.03 -7.79 -28.76
N VAL A 123 -19.95 -8.54 -27.66
CA VAL A 123 -19.32 -9.90 -27.62
C VAL A 123 -20.19 -10.82 -26.74
N TYR A 124 -20.49 -10.41 -25.50
CA TYR A 124 -21.26 -11.19 -24.50
C TYR A 124 -22.68 -10.60 -24.38
N GLY A 125 -22.88 -9.39 -24.89
CA GLY A 125 -24.19 -8.73 -24.95
C GLY A 125 -24.66 -8.30 -23.57
N VAL A 126 -23.74 -7.93 -22.69
CA VAL A 126 -24.02 -7.39 -21.32
C VAL A 126 -23.07 -6.21 -21.06
N GLY A 127 -23.47 -5.32 -20.15
CA GLY A 127 -22.70 -4.10 -19.80
C GLY A 127 -22.69 -3.12 -20.96
N ARG A 128 -21.50 -2.63 -21.32
CA ARG A 128 -21.30 -1.60 -22.37
C ARG A 128 -19.92 -1.78 -23.01
N ASP A 129 -19.78 -1.36 -24.27
CA ASP A 129 -18.50 -1.40 -25.04
C ASP A 129 -17.73 -0.10 -24.78
N TRP A 130 -16.42 -0.12 -25.03
CA TRP A 130 -15.53 1.07 -25.04
C TRP A 130 -15.62 1.75 -26.40
N PRO A 131 -15.43 3.09 -26.49
CA PRO A 131 -15.37 3.78 -27.78
C PRO A 131 -14.02 3.52 -28.45
N ILE A 132 -13.12 2.85 -27.74
CA ILE A 132 -11.75 2.45 -28.22
C ILE A 132 -11.61 0.93 -28.03
N GLN A 133 -10.72 0.30 -28.81
CA GLN A 133 -10.40 -1.15 -28.70
C GLN A 133 -8.97 -1.31 -28.16
N TYR A 134 -8.64 -2.49 -27.63
CA TYR A 134 -7.36 -2.79 -26.95
C TYR A 134 -6.19 -2.21 -27.75
N ASP A 135 -6.06 -2.61 -29.03
CA ASP A 135 -4.93 -2.26 -29.92
C ASP A 135 -4.71 -0.74 -29.93
N ASP A 136 -5.68 0.03 -29.44
CA ASP A 136 -5.65 1.52 -29.40
C ASP A 136 -4.84 1.98 -28.19
N LEU A 137 -4.80 1.15 -27.13
CA LEU A 137 -4.23 1.51 -25.81
C LEU A 137 -2.95 0.70 -25.57
N GLU A 138 -2.60 -0.21 -26.48
CA GLU A 138 -1.43 -1.12 -26.35
C GLU A 138 -0.15 -0.29 -26.28
N PRO A 139 0.07 0.66 -27.23
CA PRO A 139 1.30 1.44 -27.25
C PRO A 139 1.48 2.27 -25.98
N TYR A 140 0.37 2.77 -25.43
CA TYR A 140 0.31 3.58 -24.19
C TYR A 140 0.50 2.66 -22.98
N TYR A 141 -0.10 1.47 -23.02
CA TYR A 141 0.03 0.41 -21.98
C TYR A 141 1.51 0.18 -21.65
N GLN A 142 2.36 0.08 -22.68
CA GLN A 142 3.81 -0.17 -22.55
C GLN A 142 4.49 1.07 -21.94
N ARG A 143 4.21 2.25 -22.50
CA ARG A 143 4.74 3.55 -22.04
C ARG A 143 4.42 3.72 -20.55
N ALA A 144 3.28 3.20 -20.11
CA ALA A 144 2.82 3.19 -18.69
C ALA A 144 3.68 2.23 -17.88
N GLU A 145 4.08 1.12 -18.50
CA GLU A 145 4.94 0.08 -17.89
C GLU A 145 6.39 0.58 -17.85
N GLU A 146 6.73 1.53 -18.74
CA GLU A 146 8.09 2.12 -18.87
C GLU A 146 8.25 3.28 -17.87
N GLU A 147 7.16 4.01 -17.59
CA GLU A 147 7.16 5.18 -16.67
C GLU A 147 7.11 4.69 -15.22
N LEU A 148 6.23 3.74 -14.92
CA LEU A 148 6.02 3.19 -13.55
C LEU A 148 7.18 2.28 -13.17
N GLY A 149 7.78 1.61 -14.15
CA GLY A 149 8.81 0.56 -13.94
C GLY A 149 8.18 -0.71 -13.44
N VAL A 150 7.73 -1.57 -14.36
CA VAL A 150 6.93 -2.80 -14.06
C VAL A 150 7.71 -4.05 -14.49
N TRP A 151 7.87 -5.02 -13.58
CA TRP A 151 8.42 -6.36 -13.89
C TRP A 151 7.25 -7.30 -14.23
N GLY A 152 7.49 -8.22 -15.17
CA GLY A 152 6.45 -9.14 -15.69
C GLY A 152 7.07 -10.32 -16.44
N PRO A 153 6.37 -11.48 -16.47
CA PRO A 153 6.91 -12.69 -17.07
C PRO A 153 7.21 -12.51 -18.57
N GLY A 154 8.04 -13.39 -19.13
CA GLY A 154 8.38 -13.42 -20.56
C GLY A 154 7.28 -14.08 -21.39
N PRO A 155 7.46 -14.20 -22.72
CA PRO A 155 6.47 -14.82 -23.58
C PRO A 155 5.94 -16.16 -23.05
N GLU A 156 6.82 -16.97 -22.43
CA GLU A 156 6.50 -18.34 -21.94
C GLU A 156 5.17 -18.31 -21.19
N GLU A 157 4.92 -17.27 -20.39
CA GLU A 157 3.66 -17.08 -19.63
C GLU A 157 2.74 -16.15 -20.42
N ASP A 158 1.60 -16.68 -20.89
CA ASP A 158 0.61 -15.97 -21.73
C ASP A 158 -0.36 -15.21 -20.83
N LEU A 159 -0.31 -13.87 -20.85
CA LEU A 159 -1.18 -12.96 -20.05
C LEU A 159 -2.41 -12.57 -20.88
N TYR A 160 -2.48 -13.04 -22.13
CA TYR A 160 -3.67 -12.95 -23.03
C TYR A 160 -3.92 -11.49 -23.40
N SER A 161 -2.93 -10.62 -23.20
CA SER A 161 -2.92 -9.20 -23.64
C SER A 161 -1.76 -9.01 -24.61
N PRO A 162 -2.01 -9.12 -25.95
CA PRO A 162 -0.94 -9.06 -26.94
C PRO A 162 0.09 -7.94 -26.67
N ARG A 163 1.37 -8.31 -26.61
CA ARG A 163 2.51 -7.38 -26.36
C ARG A 163 3.26 -7.15 -27.67
N LYS A 164 3.45 -5.88 -28.06
CA LYS A 164 4.29 -5.45 -29.20
C LYS A 164 5.76 -5.49 -28.75
N GLN A 165 5.99 -5.30 -27.44
CA GLN A 165 7.34 -5.20 -26.82
C GLN A 165 7.30 -5.90 -25.46
N PRO A 166 8.42 -6.46 -24.98
CA PRO A 166 8.47 -7.10 -23.67
C PRO A 166 8.52 -6.08 -22.52
N TYR A 167 8.32 -6.56 -21.28
CA TYR A 167 8.37 -5.75 -20.04
C TYR A 167 9.75 -5.13 -19.89
N PRO A 168 9.85 -3.90 -19.31
CA PRO A 168 11.13 -3.24 -19.14
C PRO A 168 12.05 -3.91 -18.11
N MET A 169 11.48 -4.75 -17.24
CA MET A 169 12.20 -5.48 -16.17
C MET A 169 11.72 -6.92 -16.09
N PRO A 170 12.61 -7.87 -15.72
CA PRO A 170 12.21 -9.26 -15.48
C PRO A 170 11.83 -9.50 -14.03
N PRO A 171 10.92 -10.45 -13.73
CA PRO A 171 10.49 -10.72 -12.36
C PRO A 171 11.57 -11.46 -11.56
N LEU A 172 11.81 -11.05 -10.31
CA LEU A 172 12.69 -11.75 -9.34
C LEU A 172 12.09 -13.12 -9.05
N PRO A 173 12.88 -14.07 -8.52
CA PRO A 173 12.37 -15.42 -8.24
C PRO A 173 11.09 -15.32 -7.39
N LEU A 174 10.17 -16.26 -7.56
CA LEU A 174 8.90 -16.36 -6.78
C LEU A 174 9.22 -16.85 -5.37
N SER A 175 8.38 -16.50 -4.39
CA SER A 175 8.45 -16.99 -2.99
C SER A 175 8.22 -18.50 -2.98
N PHE A 176 8.94 -19.23 -2.12
CA PHE A 176 8.80 -20.70 -1.95
C PHE A 176 7.31 -21.06 -1.86
N ASN A 177 6.53 -20.23 -1.15
CA ASN A 177 5.06 -20.39 -0.96
C ASN A 177 4.36 -20.31 -2.31
N GLU A 178 4.64 -19.24 -3.07
CA GLU A 178 3.93 -18.90 -4.34
C GLU A 178 4.37 -19.86 -5.46
N GLN A 179 5.62 -20.33 -5.42
CA GLN A 179 6.18 -21.27 -6.43
C GLN A 179 5.62 -22.67 -6.20
N THR A 180 5.46 -23.06 -4.94
CA THR A 180 4.92 -24.38 -4.51
C THR A 180 3.47 -24.52 -4.96
N ILE A 181 2.63 -23.54 -4.59
CA ILE A 181 1.16 -23.54 -4.84
C ILE A 181 0.89 -23.30 -6.33
N LYS A 182 1.81 -22.59 -7.01
CA LYS A 182 1.76 -22.36 -8.48
C LYS A 182 1.83 -23.72 -9.18
N THR A 183 2.90 -24.48 -8.91
CA THR A 183 3.18 -25.82 -9.50
C THR A 183 2.08 -26.80 -9.09
N ALA A 184 1.75 -26.84 -7.80
CA ALA A 184 0.76 -27.78 -7.20
C ALA A 184 -0.53 -27.76 -8.01
N LEU A 185 -1.05 -26.56 -8.28
CA LEU A 185 -2.36 -26.35 -8.96
C LEU A 185 -2.20 -26.55 -10.47
N ASN A 186 -1.17 -25.94 -11.07
CA ASN A 186 -0.86 -26.01 -12.53
C ASN A 186 -0.88 -27.47 -12.98
N ASN A 187 -0.15 -28.34 -12.26
CA ASN A 187 0.02 -29.78 -12.59
C ASN A 187 -1.30 -30.53 -12.35
N TYR A 188 -2.20 -29.96 -11.54
CA TYR A 188 -3.53 -30.53 -11.24
C TYR A 188 -4.48 -30.27 -12.41
N ASP A 189 -4.66 -28.98 -12.76
CA ASP A 189 -5.54 -28.53 -13.88
C ASP A 189 -4.89 -27.32 -14.56
N PRO A 190 -4.57 -27.42 -15.87
CA PRO A 190 -3.91 -26.33 -16.59
C PRO A 190 -4.86 -25.14 -16.82
N LYS A 191 -6.16 -25.38 -16.64
CA LYS A 191 -7.25 -24.38 -16.86
C LYS A 191 -7.11 -23.25 -15.84
N PHE A 192 -6.67 -23.56 -14.62
CA PHE A 192 -6.43 -22.59 -13.51
C PHE A 192 -5.44 -21.53 -13.99
N HIS A 193 -4.50 -21.94 -14.86
CA HIS A 193 -3.51 -21.06 -15.53
C HIS A 193 -2.92 -20.05 -14.54
N VAL A 194 -2.29 -20.54 -13.46
CA VAL A 194 -1.60 -19.71 -12.43
C VAL A 194 -0.27 -19.22 -13.02
N VAL A 195 -0.03 -17.91 -13.01
CA VAL A 195 1.14 -17.26 -13.67
C VAL A 195 1.74 -16.21 -12.73
N THR A 196 2.99 -15.80 -13.00
CA THR A 196 3.68 -14.67 -12.33
C THR A 196 2.91 -13.38 -12.62
N GLU A 197 2.59 -12.61 -11.57
CA GLU A 197 1.79 -11.36 -11.66
C GLU A 197 2.66 -10.23 -12.21
N PRO A 198 2.14 -9.44 -13.18
CA PRO A 198 2.81 -8.22 -13.64
C PRO A 198 2.57 -7.12 -12.60
N VAL A 199 3.65 -6.50 -12.10
CA VAL A 199 3.61 -5.50 -11.00
C VAL A 199 4.66 -4.41 -11.24
N ALA A 200 4.48 -3.25 -10.60
CA ALA A 200 5.34 -2.05 -10.77
C ALA A 200 6.48 -2.08 -9.75
N ARG A 201 6.85 -3.28 -9.29
CA ARG A 201 7.96 -3.52 -8.32
C ARG A 201 9.29 -3.62 -9.07
N ASN A 202 10.33 -2.96 -8.56
CA ASN A 202 11.71 -3.03 -9.12
C ASN A 202 12.27 -4.43 -8.91
N SER A 203 12.58 -5.14 -10.00
CA SER A 203 13.36 -6.40 -10.02
C SER A 203 14.85 -6.06 -10.13
N ARG A 204 15.17 -4.76 -10.11
CA ARG A 204 16.53 -4.21 -10.25
C ARG A 204 16.47 -2.70 -10.08
N PRO A 205 17.56 -2.05 -9.60
CA PRO A 205 17.60 -0.59 -9.50
C PRO A 205 17.12 0.08 -10.80
N TYR A 206 15.98 0.78 -10.73
CA TYR A 206 15.24 1.34 -11.90
C TYR A 206 14.69 2.72 -11.55
N ASP A 207 14.68 3.63 -12.53
CA ASP A 207 14.09 4.99 -12.40
C ASP A 207 14.80 5.74 -11.26
N GLY A 208 16.07 5.40 -11.02
CA GLY A 208 16.91 6.00 -9.96
C GLY A 208 16.53 5.48 -8.58
N ARG A 209 15.61 4.51 -8.52
CA ARG A 209 15.05 3.93 -7.27
C ARG A 209 15.78 2.64 -6.93
N PRO A 210 15.36 1.95 -5.84
CA PRO A 210 15.99 0.71 -5.41
C PRO A 210 15.21 -0.53 -5.88
N THR A 211 15.62 -1.72 -5.42
CA THR A 211 15.02 -3.04 -5.77
C THR A 211 14.44 -3.71 -4.52
N CYS A 212 13.34 -4.44 -4.69
CA CYS A 212 12.59 -5.18 -3.63
C CYS A 212 13.56 -5.97 -2.74
N CYS A 213 13.37 -5.90 -1.42
CA CYS A 213 14.13 -6.65 -0.38
C CYS A 213 13.16 -7.37 0.56
N GLY A 214 12.04 -7.86 0.03
CA GLY A 214 11.03 -8.63 0.79
C GLY A 214 10.64 -7.95 2.09
N ASN A 215 10.32 -6.65 2.02
CA ASN A 215 9.74 -5.85 3.14
C ASN A 215 8.33 -6.36 3.44
N ASN A 216 7.72 -7.06 2.47
CA ASN A 216 6.39 -7.71 2.62
C ASN A 216 5.38 -6.70 3.17
N ASN A 217 5.56 -5.41 2.85
CA ASN A 217 4.78 -4.29 3.42
C ASN A 217 4.10 -3.48 2.31
N CYS A 218 4.21 -3.96 1.06
CA CYS A 218 3.59 -3.35 -0.14
C CYS A 218 2.37 -2.52 0.28
N MET A 219 1.27 -3.18 0.67
CA MET A 219 0.20 -2.59 1.52
C MET A 219 0.57 -2.89 2.97
N PRO A 220 0.77 -1.87 3.83
CA PRO A 220 0.35 -0.50 3.56
C PRO A 220 1.37 0.45 2.90
N ILE A 221 2.65 0.10 2.85
CA ILE A 221 3.69 0.98 2.22
C ILE A 221 5.06 0.28 2.13
N CYS A 222 5.76 0.54 1.01
CA CYS A 222 7.20 0.31 0.77
C CYS A 222 8.02 1.42 1.42
N PRO A 223 8.91 1.11 2.38
CA PRO A 223 9.79 2.12 2.97
C PRO A 223 11.09 2.44 2.19
N ILE A 224 11.16 2.07 0.91
CA ILE A 224 12.37 2.29 0.05
C ILE A 224 12.00 3.08 -1.21
N GLY A 225 10.85 2.76 -1.81
CA GLY A 225 10.46 3.24 -3.14
C GLY A 225 10.69 2.17 -4.19
N ALA A 226 11.12 0.98 -3.74
CA ALA A 226 11.34 -0.22 -4.58
C ALA A 226 10.21 -0.34 -5.59
N MET A 227 8.96 -0.29 -5.13
CA MET A 227 7.74 -0.28 -5.98
C MET A 227 7.36 1.18 -6.27
N TYR A 228 6.46 1.40 -7.23
CA TYR A 228 6.04 2.74 -7.70
C TYR A 228 5.02 3.35 -6.73
N ASN A 229 5.14 4.65 -6.47
CA ASN A 229 4.19 5.47 -5.67
C ASN A 229 3.97 6.79 -6.42
N GLY A 230 2.70 7.16 -6.62
CA GLY A 230 2.31 8.39 -7.34
C GLY A 230 3.31 9.51 -7.13
N ILE A 231 3.88 9.59 -5.92
CA ILE A 231 4.82 10.67 -5.49
C ILE A 231 5.95 10.82 -6.50
N VAL A 232 6.35 9.71 -7.13
CA VAL A 232 7.52 9.63 -8.06
C VAL A 232 7.35 10.68 -9.16
N HIS A 233 6.13 10.81 -9.70
CA HIS A 233 5.79 11.73 -10.83
C HIS A 233 5.49 13.13 -10.30
N VAL A 234 4.88 13.23 -9.11
CA VAL A 234 4.65 14.53 -8.40
C VAL A 234 6.00 15.23 -8.26
N GLU A 235 7.04 14.45 -7.93
CA GLU A 235 8.45 14.92 -7.85
C GLU A 235 8.91 15.35 -9.25
N LYS A 236 8.98 14.40 -10.19
CA LYS A 236 9.35 14.65 -11.60
C LYS A 236 8.54 15.83 -12.13
N ALA A 237 7.30 15.97 -11.65
CA ALA A 237 6.34 17.04 -12.03
C ALA A 237 6.91 18.40 -11.60
N GLU A 238 7.24 18.56 -10.33
CA GLU A 238 7.76 19.83 -9.74
C GLU A 238 9.08 20.19 -10.43
N ARG A 239 9.90 19.18 -10.75
CA ARG A 239 11.26 19.35 -11.33
C ARG A 239 11.15 19.83 -12.78
N ALA A 240 9.98 19.63 -13.40
CA ALA A 240 9.67 20.03 -14.79
C ALA A 240 9.21 21.50 -14.81
N GLY A 241 8.77 22.01 -13.66
CA GLY A 241 8.36 23.42 -13.48
C GLY A 241 6.94 23.54 -12.95
N ALA A 242 6.20 22.43 -12.92
CA ALA A 242 4.80 22.35 -12.45
C ALA A 242 4.69 22.92 -11.02
N LYS A 243 3.79 23.88 -10.82
CA LYS A 243 3.52 24.52 -9.49
C LYS A 243 2.49 23.67 -8.74
N LEU A 244 2.95 22.96 -7.70
CA LEU A 244 2.09 22.08 -6.84
C LEU A 244 1.60 22.88 -5.63
N ILE A 245 0.29 22.84 -5.36
CA ILE A 245 -0.35 23.50 -4.19
C ILE A 245 -0.99 22.43 -3.30
N GLU A 246 -0.32 22.05 -2.22
CA GLU A 246 -0.83 21.07 -1.22
C GLU A 246 -1.85 21.79 -0.32
N ASN A 247 -2.92 21.08 0.07
CA ASN A 247 -4.01 21.62 0.91
C ASN A 247 -4.81 22.65 0.11
N ALA A 248 -5.22 22.28 -1.10
CA ALA A 248 -6.07 23.09 -2.01
C ALA A 248 -7.27 22.25 -2.45
N VAL A 249 -8.16 21.91 -1.51
CA VAL A 249 -9.34 21.03 -1.74
C VAL A 249 -10.34 21.73 -2.67
N VAL A 250 -10.39 21.31 -3.94
CA VAL A 250 -11.33 21.81 -4.98
C VAL A 250 -12.75 21.37 -4.62
N TYR A 251 -13.74 22.24 -4.86
CA TYR A 251 -15.16 22.02 -4.47
C TYR A 251 -16.10 22.45 -5.61
N LYS A 252 -15.70 23.46 -6.39
CA LYS A 252 -16.54 24.02 -7.48
C LYS A 252 -15.68 24.31 -8.73
N LEU A 253 -16.30 24.23 -9.91
CA LEU A 253 -15.72 24.60 -11.23
C LEU A 253 -16.62 25.66 -11.88
N GLU A 254 -16.01 26.70 -12.47
CA GLU A 254 -16.71 27.84 -13.09
C GLU A 254 -16.57 27.77 -14.63
N THR A 255 -17.64 28.12 -15.35
CA THR A 255 -17.77 28.00 -16.83
C THR A 255 -17.79 29.39 -17.48
N GLY A 256 -17.55 29.44 -18.79
CA GLY A 256 -17.70 30.64 -19.64
C GLY A 256 -18.71 30.40 -20.76
N PRO A 257 -19.31 31.47 -21.32
CA PRO A 257 -20.38 31.32 -22.31
C PRO A 257 -20.16 30.24 -23.37
N ASP A 258 -18.91 29.96 -23.73
CA ASP A 258 -18.52 28.91 -24.71
C ASP A 258 -18.57 27.54 -24.03
N LYS A 259 -19.57 27.35 -23.15
CA LYS A 259 -19.76 26.13 -22.31
C LYS A 259 -18.40 25.53 -21.97
N ARG A 260 -17.36 26.38 -21.88
CA ARG A 260 -15.97 25.99 -21.53
C ARG A 260 -15.73 26.31 -20.05
N ILE A 261 -14.86 25.53 -19.38
CA ILE A 261 -14.48 25.74 -17.94
C ILE A 261 -13.32 26.73 -17.89
N VAL A 262 -13.47 27.82 -17.14
CA VAL A 262 -12.53 28.99 -17.14
C VAL A 262 -11.75 29.03 -15.82
N ALA A 263 -12.29 28.45 -14.74
CA ALA A 263 -11.70 28.50 -13.38
C ALA A 263 -12.29 27.43 -12.48
N ALA A 264 -11.51 27.02 -11.45
CA ALA A 264 -11.91 26.12 -10.36
C ALA A 264 -11.59 26.78 -9.01
N LEU A 265 -12.49 26.65 -8.04
CA LEU A 265 -12.36 27.27 -6.69
C LEU A 265 -12.12 26.16 -5.65
N TYR A 266 -11.20 26.38 -4.71
CA TYR A 266 -10.82 25.44 -3.63
C TYR A 266 -10.76 26.18 -2.29
N LYS A 267 -10.89 25.44 -1.19
CA LYS A 267 -10.74 25.93 0.21
C LYS A 267 -9.42 25.42 0.79
N ASP A 268 -8.65 26.30 1.45
CA ASP A 268 -7.41 25.94 2.17
C ASP A 268 -7.79 25.28 3.50
N LYS A 269 -6.81 24.93 4.33
CA LYS A 269 -7.00 24.23 5.64
C LYS A 269 -8.02 25.01 6.48
N THR A 270 -8.00 26.34 6.38
CA THR A 270 -8.87 27.28 7.15
C THR A 270 -10.31 27.17 6.64
N GLY A 271 -10.48 26.94 5.34
CA GLY A 271 -11.79 26.91 4.64
C GLY A 271 -11.97 28.14 3.77
N ALA A 272 -10.93 28.98 3.68
CA ALA A 272 -10.89 30.23 2.88
C ALA A 272 -10.92 29.88 1.38
N GLU A 273 -12.00 30.23 0.70
CA GLU A 273 -12.23 29.95 -0.75
C GLU A 273 -11.18 30.70 -1.58
N HIS A 274 -10.56 30.02 -2.54
CA HIS A 274 -9.61 30.59 -3.54
C HIS A 274 -10.06 30.21 -4.96
N ARG A 275 -9.63 30.98 -5.96
CA ARG A 275 -10.02 30.82 -7.38
C ARG A 275 -8.77 30.61 -8.24
N VAL A 276 -8.80 29.64 -9.15
CA VAL A 276 -7.67 29.29 -10.06
C VAL A 276 -8.16 29.31 -11.51
N GLU A 277 -7.62 30.22 -12.32
CA GLU A 277 -7.94 30.38 -13.76
C GLU A 277 -6.87 29.67 -14.59
N GLY A 278 -7.30 28.91 -15.61
CA GLY A 278 -6.43 28.17 -16.54
C GLY A 278 -7.07 28.05 -17.92
N LYS A 279 -6.34 27.52 -18.89
CA LYS A 279 -6.80 27.35 -20.30
C LYS A 279 -7.48 25.98 -20.44
N TYR A 280 -6.82 24.91 -19.99
CA TYR A 280 -7.36 23.52 -19.97
C TYR A 280 -7.44 23.05 -18.51
N PHE A 281 -8.38 22.15 -18.23
CA PHE A 281 -8.66 21.61 -16.87
C PHE A 281 -8.64 20.08 -16.91
N VAL A 282 -7.95 19.47 -15.94
CA VAL A 282 -7.78 17.99 -15.79
C VAL A 282 -8.32 17.56 -14.42
N LEU A 283 -9.47 16.88 -14.40
CA LEU A 283 -10.14 16.40 -13.16
C LEU A 283 -9.52 15.07 -12.75
N ALA A 284 -8.40 15.11 -12.02
CA ALA A 284 -7.55 13.95 -11.66
C ALA A 284 -7.78 13.55 -10.20
N ALA A 285 -8.96 13.85 -9.65
CA ALA A 285 -9.42 13.34 -8.34
C ALA A 285 -9.70 11.84 -8.49
N ASN A 286 -10.12 11.17 -7.42
CA ASN A 286 -10.37 9.70 -7.40
C ASN A 286 -11.80 9.43 -7.90
N GLY A 287 -12.22 8.17 -7.87
CA GLY A 287 -13.49 7.68 -8.45
C GLY A 287 -14.70 8.31 -7.79
N ILE A 288 -14.61 8.65 -6.50
CA ILE A 288 -15.76 9.18 -5.69
C ILE A 288 -15.70 10.71 -5.64
N GLU A 289 -14.49 11.29 -5.71
CA GLU A 289 -14.24 12.74 -5.50
C GLU A 289 -14.45 13.51 -6.81
N THR A 290 -14.07 12.92 -7.95
CA THR A 290 -14.21 13.53 -9.30
C THR A 290 -15.69 13.81 -9.58
N PRO A 291 -16.58 12.81 -9.39
CA PRO A 291 -18.02 13.01 -9.62
C PRO A 291 -18.67 13.98 -8.61
N LYS A 292 -18.12 14.06 -7.40
CA LYS A 292 -18.61 14.93 -6.30
C LYS A 292 -18.41 16.40 -6.70
N ILE A 293 -17.22 16.76 -7.19
CA ILE A 293 -16.87 18.13 -7.67
C ILE A 293 -17.83 18.50 -8.80
N LEU A 294 -18.02 17.58 -9.77
CA LEU A 294 -18.92 17.77 -10.94
C LEU A 294 -20.35 18.04 -10.46
N LEU A 295 -20.91 17.13 -9.65
CA LEU A 295 -22.30 17.22 -9.11
C LEU A 295 -22.38 18.35 -8.07
N MET A 296 -21.40 19.26 -8.08
CA MET A 296 -21.22 20.31 -7.03
C MET A 296 -21.04 21.67 -7.70
N SER A 297 -20.63 21.68 -8.96
CA SER A 297 -20.31 22.91 -9.75
C SER A 297 -21.54 23.32 -10.58
N ALA A 298 -22.67 22.64 -10.37
CA ALA A 298 -23.96 22.88 -11.06
C ALA A 298 -24.28 24.37 -11.04
N ASN A 299 -24.68 24.92 -12.19
CA ASN A 299 -25.13 26.33 -12.36
C ASN A 299 -26.31 26.36 -13.33
N ARG A 300 -26.84 27.55 -13.62
CA ARG A 300 -28.02 27.76 -14.52
C ARG A 300 -27.68 27.26 -15.92
N ASP A 301 -26.41 27.35 -16.34
CA ASP A 301 -25.94 26.91 -17.67
C ASP A 301 -26.07 25.39 -17.78
N PHE A 302 -25.77 24.67 -16.70
CA PHE A 302 -25.86 23.19 -16.61
C PHE A 302 -26.50 22.81 -15.27
N PRO A 303 -27.85 22.88 -15.17
CA PRO A 303 -28.55 22.65 -13.91
C PRO A 303 -28.24 21.28 -13.27
N ASN A 304 -27.97 20.27 -14.09
CA ASN A 304 -27.79 18.86 -13.65
C ASN A 304 -26.34 18.64 -13.21
N GLY A 305 -25.52 19.70 -13.21
CA GLY A 305 -24.11 19.68 -12.80
C GLY A 305 -23.18 19.57 -14.01
N VAL A 306 -22.11 20.38 -14.05
CA VAL A 306 -21.21 20.52 -15.23
C VAL A 306 -20.89 19.12 -15.77
N ALA A 307 -20.87 18.99 -17.10
CA ALA A 307 -20.55 17.74 -17.84
C ALA A 307 -21.47 16.61 -17.37
N ASN A 308 -22.71 16.94 -16.96
CA ASN A 308 -23.70 15.94 -16.45
C ASN A 308 -25.05 16.11 -17.16
N SER A 309 -25.07 16.56 -18.43
CA SER A 309 -26.29 16.65 -19.26
C SER A 309 -26.84 15.23 -19.46
N SER A 310 -25.93 14.26 -19.50
CA SER A 310 -26.23 12.80 -19.60
C SER A 310 -26.89 12.32 -18.30
N ASP A 311 -26.64 13.03 -17.20
CA ASP A 311 -27.13 12.67 -15.84
C ASP A 311 -26.46 11.35 -15.42
N MET A 312 -25.32 11.04 -16.03
CA MET A 312 -24.56 9.77 -15.84
C MET A 312 -23.40 10.00 -14.86
N VAL A 313 -23.08 11.25 -14.55
CA VAL A 313 -21.98 11.63 -13.62
C VAL A 313 -22.32 11.09 -12.22
N GLY A 314 -21.41 10.33 -11.62
CA GLY A 314 -21.58 9.67 -10.32
C GLY A 314 -22.17 8.28 -10.46
N ARG A 315 -22.94 8.06 -11.53
CA ARG A 315 -23.63 6.77 -11.83
C ARG A 315 -22.60 5.73 -12.29
N ASN A 316 -23.08 4.53 -12.62
CA ASN A 316 -22.29 3.43 -13.24
C ASN A 316 -21.03 3.17 -12.41
N LEU A 317 -21.07 3.51 -11.12
CA LEU A 317 -19.97 3.24 -10.17
C LEU A 317 -19.76 1.72 -10.07
N MET A 318 -18.50 1.28 -10.07
CA MET A 318 -18.10 -0.15 -10.05
C MET A 318 -16.89 -0.35 -9.14
N ASP A 319 -16.74 -1.57 -8.61
CA ASP A 319 -15.58 -2.04 -7.82
C ASP A 319 -15.70 -3.55 -7.58
N HIS A 320 -14.66 -4.31 -7.92
CA HIS A 320 -14.61 -5.80 -7.83
C HIS A 320 -15.13 -6.27 -6.49
N PRO A 321 -16.33 -6.89 -6.43
CA PRO A 321 -16.79 -7.56 -5.20
C PRO A 321 -15.93 -8.79 -4.90
N GLY A 322 -14.96 -8.65 -4.00
CA GLY A 322 -13.95 -9.69 -3.67
C GLY A 322 -14.57 -10.85 -2.92
N THR A 323 -13.90 -12.01 -2.96
CA THR A 323 -14.27 -13.25 -2.23
C THR A 323 -13.01 -14.09 -2.04
N GLY A 324 -12.66 -14.42 -0.80
CA GLY A 324 -11.41 -15.13 -0.45
C GLY A 324 -11.66 -16.50 0.15
N VAL A 325 -10.58 -17.15 0.59
CA VAL A 325 -10.61 -18.46 1.31
C VAL A 325 -9.29 -18.61 2.08
N SER A 326 -9.35 -19.03 3.34
CA SER A 326 -8.18 -19.26 4.23
C SER A 326 -8.26 -20.67 4.82
N PHE A 327 -7.14 -21.41 4.77
CA PHE A 327 -7.00 -22.77 5.34
C PHE A 327 -5.53 -23.03 5.69
N TYR A 328 -5.25 -24.16 6.34
CA TYR A 328 -3.90 -24.63 6.71
C TYR A 328 -3.49 -25.78 5.79
N ALA A 329 -2.52 -25.52 4.90
CA ALA A 329 -1.96 -26.49 3.93
C ALA A 329 -1.34 -27.67 4.69
N SER A 330 -1.19 -28.82 4.01
CA SER A 330 -0.58 -30.05 4.55
C SER A 330 0.93 -29.85 4.72
N GLU A 331 1.51 -28.90 3.95
CA GLU A 331 2.98 -28.67 3.89
C GLU A 331 3.29 -27.22 4.29
N LYS A 332 4.51 -26.98 4.80
CA LYS A 332 5.03 -25.65 5.20
C LYS A 332 5.27 -24.80 3.94
N LEU A 333 5.01 -23.49 4.03
CA LEU A 333 5.04 -22.54 2.88
C LEU A 333 5.72 -21.24 3.31
N TRP A 334 5.53 -20.83 4.57
CA TRP A 334 6.16 -19.64 5.18
C TRP A 334 5.80 -18.39 4.38
N PRO A 335 4.50 -18.01 4.33
CA PRO A 335 4.09 -16.76 3.68
C PRO A 335 4.64 -15.52 4.41
N GLY A 336 5.25 -14.60 3.66
CA GLY A 336 5.87 -13.37 4.18
C GLY A 336 7.24 -13.15 3.57
N ARG A 337 7.87 -14.21 3.08
CA ARG A 337 9.19 -14.18 2.41
C ARG A 337 8.99 -13.66 0.98
N GLY A 338 9.07 -12.35 0.79
CA GLY A 338 8.90 -11.67 -0.51
C GLY A 338 7.65 -10.80 -0.56
N PRO A 339 7.42 -10.07 -1.67
CA PRO A 339 6.24 -9.21 -1.80
C PRO A 339 4.93 -9.92 -1.44
N GLN A 340 3.91 -9.12 -1.08
CA GLN A 340 2.60 -9.59 -0.54
C GLN A 340 1.88 -10.44 -1.59
N GLU A 341 2.11 -10.16 -2.87
CA GLU A 341 1.48 -10.87 -4.03
C GLU A 341 2.43 -10.86 -5.22
N MET A 342 2.67 -12.04 -5.82
CA MET A 342 3.48 -12.22 -7.05
C MET A 342 2.78 -13.23 -7.97
N THR A 343 1.85 -14.01 -7.41
CA THR A 343 1.06 -15.05 -8.11
C THR A 343 -0.35 -14.53 -8.41
N SER A 344 -0.93 -14.94 -9.54
CA SER A 344 -2.32 -14.62 -9.94
C SER A 344 -2.87 -15.73 -10.84
N LEU A 345 -4.02 -16.30 -10.46
CA LEU A 345 -4.73 -17.40 -11.17
C LEU A 345 -5.64 -16.79 -12.24
N ILE A 346 -5.08 -16.45 -13.41
CA ILE A 346 -5.80 -15.72 -14.50
C ILE A 346 -6.51 -16.73 -15.41
N GLY A 347 -7.10 -17.77 -14.81
CA GLY A 347 -7.79 -18.86 -15.54
C GLY A 347 -9.13 -18.40 -16.10
N PHE A 348 -9.97 -17.81 -15.25
CA PHE A 348 -11.37 -17.43 -15.56
C PHE A 348 -11.47 -15.91 -15.73
N ARG A 349 -10.49 -15.32 -16.43
CA ARG A 349 -10.48 -13.86 -16.79
C ARG A 349 -11.39 -13.64 -18.01
N ASP A 350 -11.66 -14.70 -18.78
CA ASP A 350 -12.38 -14.64 -20.08
C ASP A 350 -13.12 -15.97 -20.29
N GLY A 351 -13.94 -16.05 -21.34
CA GLY A 351 -14.70 -17.26 -21.72
C GLY A 351 -16.16 -16.95 -22.01
N PRO A 352 -16.85 -17.79 -22.82
CA PRO A 352 -18.24 -17.54 -23.19
C PRO A 352 -19.20 -17.25 -22.02
N PHE A 353 -19.20 -18.09 -20.99
CA PHE A 353 -20.08 -17.99 -19.79
C PHE A 353 -20.23 -16.52 -19.38
N ARG A 354 -19.21 -15.69 -19.68
CA ARG A 354 -19.11 -14.28 -19.26
C ARG A 354 -20.32 -13.50 -19.73
N ALA A 355 -21.29 -14.19 -20.36
CA ALA A 355 -22.59 -13.63 -20.80
C ALA A 355 -23.67 -14.00 -19.78
N THR A 356 -23.28 -14.68 -18.69
CA THR A 356 -24.17 -15.13 -17.60
C THR A 356 -23.61 -14.64 -16.25
N GLU A 357 -22.57 -15.30 -15.74
CA GLU A 357 -21.83 -14.88 -14.51
C GLU A 357 -20.58 -14.11 -14.93
N ALA A 358 -19.95 -13.42 -13.97
CA ALA A 358 -18.75 -12.57 -14.19
C ALA A 358 -17.48 -13.40 -14.04
N ALA A 359 -16.43 -13.02 -14.77
CA ALA A 359 -15.08 -13.65 -14.73
C ALA A 359 -14.26 -13.01 -13.61
N LYS A 360 -13.44 -13.81 -12.92
CA LYS A 360 -12.67 -13.39 -11.71
C LYS A 360 -11.20 -13.74 -11.88
N LYS A 361 -10.31 -12.89 -11.33
CA LYS A 361 -8.86 -13.14 -11.17
C LYS A 361 -8.59 -13.48 -9.69
N ILE A 362 -8.24 -14.74 -9.40
CA ILE A 362 -7.89 -15.22 -8.03
C ILE A 362 -6.38 -15.03 -7.82
N HIS A 363 -5.99 -14.45 -6.68
CA HIS A 363 -4.57 -14.18 -6.31
C HIS A 363 -4.26 -14.81 -4.96
N LEU A 364 -3.14 -15.57 -4.90
CA LEU A 364 -2.59 -16.18 -3.67
C LEU A 364 -1.99 -15.09 -2.77
N SER A 365 -2.20 -15.17 -1.46
CA SER A 365 -1.71 -14.21 -0.44
C SER A 365 -0.31 -14.60 0.04
N ASN A 366 0.67 -13.71 -0.12
CA ASN A 366 2.07 -13.89 0.33
C ASN A 366 2.36 -12.91 1.47
N LEU A 367 1.37 -12.68 2.34
CA LEU A 367 1.47 -11.78 3.51
C LEU A 367 1.90 -12.58 4.74
N SER A 368 2.78 -12.01 5.58
CA SER A 368 3.21 -12.59 6.88
C SER A 368 1.96 -12.82 7.74
N ARG A 369 1.84 -14.00 8.37
CA ARG A 369 0.64 -14.42 9.15
C ARG A 369 1.06 -14.79 10.58
N ILE A 370 2.33 -14.61 10.93
CA ILE A 370 2.88 -14.89 12.29
C ILE A 370 2.32 -13.82 13.23
N ASP A 371 2.00 -12.63 12.69
CA ASP A 371 1.28 -11.54 13.39
C ASP A 371 -0.09 -12.06 13.81
N GLN A 372 -0.91 -12.45 12.83
CA GLN A 372 -2.30 -12.94 13.00
C GLN A 372 -2.28 -14.25 13.81
N GLU A 373 -1.48 -15.22 13.37
CA GLU A 373 -1.50 -16.61 13.88
C GLU A 373 -1.08 -16.63 15.36
N THR A 374 -0.05 -15.87 15.73
CA THR A 374 0.39 -15.70 17.14
C THR A 374 -0.82 -15.26 17.97
N GLN A 375 -1.50 -14.20 17.52
CA GLN A 375 -2.70 -13.62 18.18
C GLN A 375 -3.78 -14.69 18.33
N LYS A 376 -4.01 -15.47 17.27
CA LYS A 376 -5.08 -16.51 17.23
C LYS A 376 -4.86 -17.51 18.37
N ILE A 377 -3.61 -17.90 18.61
CA ILE A 377 -3.20 -18.87 19.67
C ILE A 377 -3.51 -18.26 21.05
N PHE A 378 -3.03 -17.04 21.28
CA PHE A 378 -3.15 -16.31 22.57
C PHE A 378 -4.63 -16.09 22.91
N LYS A 379 -5.46 -15.79 21.90
CA LYS A 379 -6.92 -15.53 22.06
C LYS A 379 -7.56 -16.74 22.76
N ALA A 380 -6.92 -17.91 22.64
CA ALA A 380 -7.36 -19.18 23.28
C ALA A 380 -7.43 -18.99 24.80
N GLY A 381 -6.48 -18.23 25.37
CA GLY A 381 -6.44 -17.88 26.80
C GLY A 381 -6.04 -19.06 27.67
N LYS A 382 -5.23 -19.98 27.13
CA LYS A 382 -4.71 -21.17 27.85
C LYS A 382 -3.18 -21.11 27.88
N LEU A 383 -2.60 -21.10 29.08
CA LEU A 383 -1.13 -20.99 29.32
C LEU A 383 -0.44 -22.28 28.86
N MET A 384 0.70 -22.15 28.19
CA MET A 384 1.51 -23.28 27.65
C MET A 384 3.01 -22.91 27.73
N LYS A 385 3.88 -23.90 27.93
CA LYS A 385 5.35 -23.70 28.07
C LYS A 385 5.93 -23.23 26.74
N PRO A 386 6.98 -22.38 26.75
CA PRO A 386 7.50 -21.76 25.54
C PRO A 386 7.94 -22.72 24.42
N ASP A 387 7.97 -24.03 24.69
CA ASP A 387 8.31 -25.07 23.68
C ASP A 387 7.08 -25.37 22.83
N GLU A 388 5.92 -25.58 23.49
CA GLU A 388 4.61 -25.86 22.84
C GLU A 388 4.12 -24.60 22.11
N LEU A 389 4.36 -23.43 22.70
CA LEU A 389 3.97 -22.10 22.14
C LEU A 389 4.62 -21.93 20.76
N ASP A 390 5.94 -21.75 20.74
CA ASP A 390 6.77 -21.64 19.51
C ASP A 390 6.33 -22.71 18.50
N ALA A 391 6.12 -23.95 18.98
CA ALA A 391 5.74 -25.13 18.16
C ALA A 391 4.50 -24.80 17.32
N GLN A 392 3.49 -24.18 17.94
CA GLN A 392 2.20 -23.82 17.28
C GLN A 392 2.42 -22.60 16.37
N ILE A 393 3.27 -21.65 16.80
CA ILE A 393 3.56 -20.39 16.05
C ILE A 393 4.06 -20.74 14.65
N ARG A 394 5.11 -21.56 14.56
CA ARG A 394 5.74 -21.99 13.28
C ARG A 394 4.78 -22.91 12.51
N ASP A 395 4.06 -23.78 13.23
CA ASP A 395 3.12 -24.77 12.66
C ASP A 395 1.97 -24.05 11.97
N ARG A 396 1.45 -22.99 12.59
CA ARG A 396 0.27 -22.22 12.10
C ARG A 396 0.70 -21.24 11.00
N SER A 397 1.75 -20.46 11.26
CA SER A 397 2.19 -19.31 10.42
C SER A 397 2.86 -19.79 9.13
N ALA A 398 3.33 -21.04 9.10
CA ALA A 398 4.03 -21.67 7.95
C ALA A 398 3.01 -22.30 7.00
N ARG A 399 1.96 -22.91 7.57
CA ARG A 399 0.98 -23.76 6.84
C ARG A 399 -0.24 -22.93 6.42
N TYR A 400 -0.28 -21.65 6.79
CA TYR A 400 -1.41 -20.72 6.48
C TYR A 400 -1.32 -20.28 5.01
N VAL A 401 -2.42 -20.46 4.27
CA VAL A 401 -2.60 -19.97 2.87
C VAL A 401 -3.93 -19.24 2.80
N GLN A 402 -3.98 -18.12 2.06
CA GLN A 402 -5.23 -17.34 1.82
C GLN A 402 -5.33 -16.95 0.34
N PHE A 403 -6.51 -17.12 -0.24
CA PHE A 403 -6.84 -16.77 -1.65
C PHE A 403 -7.96 -15.73 -1.68
N ASP A 404 -7.64 -14.51 -2.12
CA ASP A 404 -8.61 -13.42 -2.43
C ASP A 404 -8.71 -13.29 -3.95
N CYS A 405 -9.82 -12.76 -4.46
CA CYS A 405 -10.11 -12.66 -5.91
C CYS A 405 -10.87 -11.36 -6.22
N PHE A 406 -10.75 -10.89 -7.47
CA PHE A 406 -11.54 -9.77 -8.03
C PHE A 406 -12.70 -10.34 -8.85
N HIS A 407 -13.93 -9.98 -8.49
CA HIS A 407 -15.15 -10.21 -9.32
C HIS A 407 -15.44 -8.93 -10.12
N GLU A 408 -16.02 -9.08 -11.30
CA GLU A 408 -16.45 -7.96 -12.17
C GLU A 408 -17.96 -7.75 -12.00
N ILE A 409 -18.37 -6.53 -11.63
CA ILE A 409 -19.79 -6.09 -11.58
C ILE A 409 -20.05 -5.17 -12.78
N LEU A 410 -21.20 -5.33 -13.44
CA LEU A 410 -21.59 -4.55 -14.64
C LEU A 410 -21.83 -3.10 -14.24
N PRO A 411 -21.44 -2.12 -15.10
CA PRO A 411 -21.74 -0.72 -14.85
C PRO A 411 -23.26 -0.51 -14.87
N GLN A 412 -23.84 -0.10 -13.74
CA GLN A 412 -25.30 0.08 -13.55
C GLN A 412 -25.58 1.52 -13.13
N PRO A 413 -26.61 2.17 -13.70
CA PRO A 413 -26.90 3.57 -13.41
C PRO A 413 -27.51 3.77 -12.01
N GLU A 414 -28.05 2.70 -11.42
CA GLU A 414 -28.69 2.71 -10.08
C GLU A 414 -27.60 2.82 -9.00
N ASN A 415 -26.38 2.39 -9.32
CA ASN A 415 -25.15 2.58 -8.49
C ASN A 415 -24.54 3.95 -8.84
N ARG A 416 -24.50 4.88 -7.89
CA ARG A 416 -24.08 6.29 -8.13
C ARG A 416 -23.43 6.87 -6.88
N ILE A 417 -22.64 7.95 -7.08
CA ILE A 417 -21.99 8.78 -6.01
C ILE A 417 -22.45 10.23 -6.18
N VAL A 418 -23.19 10.76 -5.19
CA VAL A 418 -23.75 12.14 -5.22
C VAL A 418 -23.38 12.84 -3.91
N PRO A 419 -23.03 14.14 -3.93
CA PRO A 419 -22.76 14.89 -2.70
C PRO A 419 -24.04 15.01 -1.84
N SER A 420 -24.03 14.39 -0.66
CA SER A 420 -25.17 14.36 0.30
C SER A 420 -25.74 15.78 0.46
N LYS A 421 -27.07 15.91 0.43
CA LYS A 421 -27.78 17.22 0.50
C LYS A 421 -28.09 17.56 1.96
N THR A 422 -27.47 16.83 2.91
CA THR A 422 -27.61 17.04 4.37
C THR A 422 -26.21 17.08 5.00
N ALA A 423 -25.56 15.91 5.12
CA ALA A 423 -24.22 15.73 5.73
C ALA A 423 -23.20 16.61 5.00
N THR A 424 -22.12 17.00 5.69
CA THR A 424 -21.06 17.91 5.21
C THR A 424 -19.77 17.65 5.98
N ASP A 425 -18.61 17.97 5.40
CA ASP A 425 -17.27 17.80 6.01
C ASP A 425 -16.95 19.03 6.85
N ALA A 426 -15.80 19.02 7.54
CA ALA A 426 -15.33 20.08 8.47
C ALA A 426 -15.42 21.46 7.79
N ILE A 427 -14.75 21.62 6.65
CA ILE A 427 -14.72 22.91 5.88
C ILE A 427 -16.09 23.17 5.25
N GLY A 428 -17.04 22.24 5.46
CA GLY A 428 -18.47 22.43 5.12
C GLY A 428 -18.79 22.05 3.69
N ILE A 429 -18.05 21.10 3.12
CA ILE A 429 -18.30 20.53 1.76
C ILE A 429 -19.16 19.28 1.91
N PRO A 430 -20.27 19.15 1.14
CA PRO A 430 -21.14 17.99 1.26
C PRO A 430 -20.32 16.71 1.02
N ARG A 431 -20.48 15.71 1.89
CA ARG A 431 -19.64 14.48 1.91
C ARG A 431 -20.27 13.43 1.00
N PRO A 432 -19.44 12.59 0.35
CA PRO A 432 -19.94 11.59 -0.60
C PRO A 432 -21.00 10.65 -0.01
N GLU A 433 -22.16 10.56 -0.67
CA GLU A 433 -23.25 9.62 -0.33
C GLU A 433 -23.40 8.60 -1.46
N ILE A 434 -22.88 7.38 -1.26
CA ILE A 434 -22.79 6.32 -2.30
C ILE A 434 -23.90 5.29 -2.07
N THR A 435 -24.75 5.08 -3.09
CA THR A 435 -25.80 4.03 -3.13
C THR A 435 -25.33 2.91 -4.07
N TYR A 436 -24.89 1.78 -3.49
CA TYR A 436 -24.32 0.62 -4.21
C TYR A 436 -25.14 -0.63 -3.88
N ALA A 437 -25.22 -1.56 -4.84
CA ALA A 437 -25.88 -2.88 -4.71
C ALA A 437 -25.22 -3.86 -5.69
N ILE A 438 -25.19 -5.15 -5.33
CA ILE A 438 -24.50 -6.23 -6.11
C ILE A 438 -25.56 -7.15 -6.73
N ASP A 439 -25.70 -7.09 -8.06
CA ASP A 439 -26.68 -7.88 -8.86
C ASP A 439 -26.32 -9.37 -8.73
N ASP A 440 -27.21 -10.25 -9.22
CA ASP A 440 -27.04 -11.73 -9.16
C ASP A 440 -26.01 -12.18 -10.19
N TYR A 441 -25.76 -11.35 -11.21
CA TYR A 441 -24.73 -11.58 -12.26
C TYR A 441 -23.41 -12.01 -11.60
N VAL A 442 -23.08 -11.38 -10.47
CA VAL A 442 -21.82 -11.60 -9.71
C VAL A 442 -22.04 -12.78 -8.75
N LYS A 443 -23.23 -12.88 -8.14
CA LYS A 443 -23.58 -13.94 -7.15
C LYS A 443 -23.29 -15.33 -7.75
N ARG A 444 -23.72 -15.55 -9.01
CA ARG A 444 -23.55 -16.84 -9.73
C ARG A 444 -22.06 -17.11 -9.97
N GLY A 445 -21.29 -16.06 -10.33
CA GLY A 445 -19.84 -16.13 -10.57
C GLY A 445 -19.08 -16.52 -9.31
N ALA A 446 -19.44 -15.92 -8.18
CA ALA A 446 -18.86 -16.19 -6.85
C ALA A 446 -19.15 -17.65 -6.45
N ALA A 447 -20.34 -18.15 -6.82
CA ALA A 447 -20.80 -19.53 -6.53
C ALA A 447 -19.80 -20.54 -7.11
N HIS A 448 -19.48 -20.43 -8.41
CA HIS A 448 -18.49 -21.27 -9.12
C HIS A 448 -17.09 -20.93 -8.62
N THR A 449 -16.86 -19.67 -8.23
CA THR A 449 -15.58 -19.16 -7.65
C THR A 449 -15.30 -19.87 -6.33
N ARG A 450 -16.35 -20.31 -5.64
CA ARG A 450 -16.28 -21.01 -4.33
C ARG A 450 -15.94 -22.49 -4.57
N GLU A 451 -16.38 -23.03 -5.71
CA GLU A 451 -16.11 -24.43 -6.12
C GLU A 451 -14.62 -24.58 -6.46
N VAL A 452 -14.01 -23.50 -6.98
CA VAL A 452 -12.56 -23.43 -7.30
C VAL A 452 -11.77 -23.39 -5.99
N TYR A 453 -12.29 -22.67 -4.99
CA TYR A 453 -11.67 -22.52 -3.65
C TYR A 453 -11.62 -23.87 -2.94
N ALA A 454 -12.74 -24.60 -2.95
CA ALA A 454 -12.88 -25.94 -2.31
C ALA A 454 -11.89 -26.93 -2.95
N THR A 455 -11.70 -26.83 -4.27
CA THR A 455 -10.77 -27.69 -5.07
C THR A 455 -9.32 -27.32 -4.73
N ALA A 456 -8.99 -26.03 -4.76
CA ALA A 456 -7.66 -25.48 -4.41
C ALA A 456 -7.27 -25.97 -3.01
N ALA A 457 -8.27 -26.18 -2.14
CA ALA A 457 -8.11 -26.72 -0.77
C ALA A 457 -7.70 -28.20 -0.85
N LYS A 458 -8.54 -29.03 -1.48
CA LYS A 458 -8.36 -30.50 -1.62
C LYS A 458 -6.99 -30.80 -2.25
N VAL A 459 -6.54 -29.94 -3.17
CA VAL A 459 -5.23 -30.08 -3.88
C VAL A 459 -4.09 -29.84 -2.89
N LEU A 460 -4.15 -28.74 -2.15
CA LEU A 460 -3.09 -28.29 -1.20
C LEU A 460 -3.33 -28.94 0.17
N GLY A 461 -4.12 -30.03 0.21
CA GLY A 461 -4.45 -30.77 1.43
C GLY A 461 -4.84 -29.83 2.57
N GLY A 462 -5.91 -29.06 2.37
CA GLY A 462 -6.37 -28.01 3.30
C GLY A 462 -7.00 -28.60 4.56
N THR A 463 -6.89 -27.88 5.67
CA THR A 463 -7.53 -28.20 6.98
C THR A 463 -7.92 -26.88 7.66
N ASP A 464 -9.04 -26.88 8.40
CA ASP A 464 -9.65 -25.67 9.02
C ASP A 464 -10.05 -24.70 7.91
N VAL A 465 -10.49 -25.22 6.77
CA VAL A 465 -10.87 -24.43 5.56
C VAL A 465 -11.99 -23.45 5.94
N VAL A 466 -11.72 -22.15 5.83
CA VAL A 466 -12.67 -21.04 6.12
C VAL A 466 -13.03 -20.35 4.81
N PHE A 467 -14.32 -20.10 4.58
CA PHE A 467 -14.87 -19.46 3.35
C PHE A 467 -15.38 -18.05 3.68
N ASN A 468 -14.81 -17.04 3.02
CA ASN A 468 -15.21 -15.61 3.13
C ASN A 468 -16.21 -15.29 2.01
N ASP A 469 -17.52 -15.37 2.33
CA ASP A 469 -18.64 -15.23 1.35
C ASP A 469 -19.22 -13.82 1.44
N GLU A 470 -18.51 -12.89 2.07
CA GLU A 470 -18.87 -11.45 2.14
C GLU A 470 -18.08 -10.69 1.07
N PHE A 471 -18.78 -10.08 0.11
CA PHE A 471 -18.17 -9.31 -1.01
C PHE A 471 -17.35 -8.16 -0.43
N ALA A 472 -16.02 -8.31 -0.43
CA ALA A 472 -15.04 -7.35 0.12
C ALA A 472 -14.74 -6.27 -0.90
N PRO A 473 -14.50 -5.01 -0.45
CA PRO A 473 -14.11 -3.94 -1.36
C PRO A 473 -12.64 -4.06 -1.76
N ASN A 474 -12.34 -3.97 -3.06
CA ASN A 474 -10.97 -4.11 -3.61
C ASN A 474 -10.42 -2.72 -3.94
N ASN A 475 -11.23 -1.67 -3.75
CA ASN A 475 -10.81 -0.25 -3.80
C ASN A 475 -10.43 0.13 -5.23
N HIS A 476 -11.26 -0.27 -6.20
CA HIS A 476 -11.15 0.11 -7.63
C HIS A 476 -12.43 0.84 -8.06
N ILE A 477 -12.55 2.12 -7.69
CA ILE A 477 -13.69 3.01 -8.05
C ILE A 477 -13.59 3.33 -9.55
N THR A 478 -14.60 2.92 -10.33
CA THR A 478 -14.64 3.10 -11.81
C THR A 478 -16.08 3.35 -12.27
N GLY A 479 -16.26 4.11 -13.34
CA GLY A 479 -17.54 4.29 -14.06
C GLY A 479 -18.30 5.54 -13.63
N SER A 480 -17.72 6.32 -12.71
CA SER A 480 -18.33 7.56 -12.17
C SER A 480 -18.58 8.57 -13.29
N THR A 481 -17.59 8.76 -14.17
CA THR A 481 -17.67 9.64 -15.37
C THR A 481 -17.54 8.79 -16.63
N ILE A 482 -18.45 7.81 -16.80
CA ILE A 482 -18.48 6.80 -17.89
C ILE A 482 -17.88 7.40 -19.17
N MET A 483 -17.24 6.55 -19.99
CA MET A 483 -16.79 6.86 -21.38
C MET A 483 -17.76 6.21 -22.37
N GLY A 484 -18.04 6.87 -23.49
CA GLY A 484 -19.02 6.41 -24.50
C GLY A 484 -18.84 7.09 -25.84
N ALA A 485 -19.75 6.82 -26.77
CA ALA A 485 -19.72 7.32 -28.17
C ALA A 485 -20.58 8.57 -28.29
N ASP A 486 -21.83 8.51 -27.82
CA ASP A 486 -22.80 9.63 -27.82
C ASP A 486 -22.97 10.13 -26.37
N ALA A 487 -23.43 11.38 -26.20
CA ALA A 487 -23.46 12.11 -24.91
C ALA A 487 -24.79 11.89 -24.19
N ARG A 488 -25.69 11.08 -24.73
CA ARG A 488 -27.04 10.83 -24.16
C ARG A 488 -26.96 9.70 -23.13
N ASP A 489 -25.85 8.96 -23.09
CA ASP A 489 -25.62 7.82 -22.16
C ASP A 489 -24.13 7.71 -21.83
N SER A 490 -23.47 8.85 -21.61
CA SER A 490 -22.01 8.95 -21.33
C SER A 490 -21.69 10.29 -20.68
N VAL A 491 -20.40 10.62 -20.56
CA VAL A 491 -19.89 11.89 -19.95
C VAL A 491 -18.70 12.39 -20.76
N VAL A 492 -17.82 11.49 -21.18
CA VAL A 492 -16.59 11.80 -21.98
C VAL A 492 -16.57 10.92 -23.23
N ASP A 493 -15.83 11.35 -24.25
CA ASP A 493 -15.66 10.63 -25.54
C ASP A 493 -14.55 9.58 -25.37
N LYS A 494 -13.89 9.20 -26.47
CA LYS A 494 -12.80 8.20 -26.49
C LYS A 494 -11.47 8.88 -26.18
N ASP A 495 -11.44 10.22 -26.25
CA ASP A 495 -10.23 11.05 -26.00
C ASP A 495 -10.14 11.41 -24.51
N CYS A 496 -11.05 10.86 -23.70
CA CYS A 496 -11.19 11.14 -22.24
C CYS A 496 -11.63 12.59 -22.03
N ARG A 497 -12.08 13.25 -23.11
CA ARG A 497 -12.63 14.63 -23.08
C ARG A 497 -14.12 14.57 -22.77
N THR A 498 -14.64 15.59 -22.09
CA THR A 498 -16.08 15.72 -21.71
C THR A 498 -16.83 16.38 -22.88
N PHE A 499 -17.96 15.79 -23.27
CA PHE A 499 -18.86 16.30 -24.34
C PHE A 499 -19.19 17.78 -24.07
N ASP A 500 -19.59 18.07 -22.84
CA ASP A 500 -20.20 19.37 -22.43
C ASP A 500 -19.14 20.48 -22.48
N HIS A 501 -17.91 20.20 -22.06
CA HIS A 501 -16.83 21.21 -21.92
C HIS A 501 -15.59 20.78 -22.70
N PRO A 502 -15.29 21.46 -23.84
CA PRO A 502 -14.12 21.14 -24.65
C PRO A 502 -12.82 20.97 -23.85
N ASN A 503 -12.46 21.97 -23.02
CA ASN A 503 -11.14 22.07 -22.37
C ASN A 503 -11.14 21.39 -20.99
N LEU A 504 -12.18 20.59 -20.70
CA LEU A 504 -12.24 19.77 -19.45
C LEU A 504 -11.91 18.31 -19.78
N PHE A 505 -10.87 17.77 -19.13
CA PHE A 505 -10.39 16.37 -19.28
C PHE A 505 -10.53 15.63 -17.95
N ILE A 506 -10.94 14.36 -18.00
CA ILE A 506 -11.04 13.46 -16.82
C ILE A 506 -9.97 12.36 -16.94
N SER A 507 -9.05 12.31 -15.98
CA SER A 507 -7.98 11.29 -15.88
C SER A 507 -8.17 10.48 -14.59
N SER A 508 -9.07 9.49 -14.62
CA SER A 508 -9.44 8.64 -13.45
C SER A 508 -10.19 7.39 -13.93
N SER A 509 -10.21 6.35 -13.09
CA SER A 509 -10.92 5.06 -13.32
C SER A 509 -12.41 5.34 -13.56
N ALA A 510 -12.86 6.55 -13.26
CA ALA A 510 -14.26 7.01 -13.45
C ALA A 510 -14.60 6.93 -14.95
N THR A 511 -13.60 7.14 -15.82
CA THR A 511 -13.76 7.20 -17.30
C THR A 511 -13.90 5.78 -17.87
N MET A 512 -13.56 4.77 -17.08
CA MET A 512 -13.52 3.34 -17.53
C MET A 512 -14.93 2.77 -17.54
N PRO A 513 -15.45 2.41 -18.73
CA PRO A 513 -16.79 1.83 -18.85
C PRO A 513 -16.96 0.51 -18.10
N THR A 514 -16.06 -0.46 -18.35
CA THR A 514 -16.04 -1.79 -17.71
C THR A 514 -14.93 -1.83 -16.65
N VAL A 515 -15.17 -2.55 -15.55
CA VAL A 515 -14.21 -2.68 -14.41
C VAL A 515 -13.22 -3.81 -14.74
N GLY A 516 -13.64 -4.76 -15.58
CA GLY A 516 -12.82 -5.90 -16.00
C GLY A 516 -12.60 -6.88 -14.85
N THR A 517 -11.44 -7.54 -14.85
CA THR A 517 -11.12 -8.70 -13.97
C THR A 517 -9.83 -8.45 -13.19
N VAL A 518 -9.21 -7.28 -13.37
CA VAL A 518 -7.87 -6.95 -12.79
C VAL A 518 -7.90 -5.56 -12.14
N ASN A 519 -6.75 -5.15 -11.58
CA ASN A 519 -6.49 -3.79 -11.03
C ASN A 519 -6.35 -2.80 -12.20
N VAL A 520 -6.91 -1.61 -12.05
CA VAL A 520 -7.21 -0.68 -13.17
C VAL A 520 -6.11 0.37 -13.31
N THR A 521 -5.25 0.51 -12.29
CA THR A 521 -4.26 1.62 -12.17
C THR A 521 -3.43 1.72 -13.45
N LEU A 522 -2.91 0.61 -13.96
CA LEU A 522 -2.07 0.57 -15.20
C LEU A 522 -2.89 1.13 -16.36
N THR A 523 -4.11 0.64 -16.54
CA THR A 523 -5.11 1.13 -17.53
C THR A 523 -5.22 2.66 -17.40
N ILE A 524 -5.27 3.15 -16.16
CA ILE A 524 -5.41 4.59 -15.81
C ILE A 524 -4.18 5.37 -16.29
N ALA A 525 -2.99 4.92 -15.89
CA ALA A 525 -1.68 5.54 -16.22
C ALA A 525 -1.54 5.69 -17.73
N ALA A 526 -1.99 4.69 -18.49
CA ALA A 526 -1.97 4.65 -19.97
C ALA A 526 -2.87 5.76 -20.52
N LEU A 527 -4.16 5.71 -20.16
CA LEU A 527 -5.17 6.73 -20.55
C LEU A 527 -4.63 8.13 -20.25
N ALA A 528 -3.96 8.29 -19.11
CA ALA A 528 -3.31 9.55 -18.67
C ALA A 528 -2.33 10.01 -19.74
N LEU A 529 -1.39 9.14 -20.11
CA LEU A 529 -0.35 9.40 -21.15
C LEU A 529 -1.04 9.69 -22.49
N ARG A 530 -2.16 9.01 -22.74
CA ARG A 530 -3.03 9.25 -23.93
C ARG A 530 -3.31 10.76 -24.02
N MET A 531 -4.06 11.30 -23.05
CA MET A 531 -4.42 12.73 -22.94
C MET A 531 -3.17 13.60 -23.11
N SER A 532 -2.11 13.28 -22.37
CA SER A 532 -0.82 14.00 -22.35
C SER A 532 -0.44 14.41 -23.78
N ASP A 533 -0.52 13.47 -24.72
CA ASP A 533 -0.19 13.68 -26.16
C ASP A 533 -1.31 14.50 -26.80
N THR A 534 -2.56 14.27 -26.40
CA THR A 534 -3.78 14.98 -26.89
C THR A 534 -3.69 16.45 -26.50
N LEU A 535 -3.70 16.74 -25.20
CA LEU A 535 -3.63 18.12 -24.63
C LEU A 535 -2.38 18.83 -25.15
N LYS A 536 -1.33 18.06 -25.48
CA LYS A 536 0.02 18.58 -25.80
C LYS A 536 0.02 19.19 -27.20
N LYS A 537 -0.97 18.84 -28.03
CA LYS A 537 -1.10 19.30 -29.44
C LYS A 537 -2.00 20.54 -29.50
N GLU A 538 -3.04 20.57 -28.66
CA GLU A 538 -4.08 21.64 -28.65
C GLU A 538 -3.50 22.94 -28.08
N VAL A 539 -2.98 22.89 -26.85
CA VAL A 539 -2.41 24.07 -26.12
C VAL A 539 -0.93 24.21 -26.50
N GLY B 305 31.54 1.27 16.14
CA GLY B 305 30.14 1.58 16.54
C GLY B 305 29.60 0.58 17.55
N LYS B 306 28.30 0.29 17.49
CA LYS B 306 27.61 -0.63 18.44
C LYS B 306 26.09 -0.58 18.17
N PRO B 307 25.38 -1.73 18.30
CA PRO B 307 23.93 -1.74 18.16
C PRO B 307 23.27 -0.55 18.89
N ALA B 308 22.28 0.07 18.25
CA ALA B 308 21.65 1.35 18.67
C ALA B 308 20.84 1.17 19.96
N GLU B 309 19.66 0.54 19.86
CA GLU B 309 18.66 0.47 20.96
C GLU B 309 17.95 1.82 21.06
N ASP B 310 18.40 2.81 20.29
CA ASP B 310 17.89 4.20 20.29
C ASP B 310 16.38 4.18 20.06
N GLY B 311 15.91 3.30 19.15
CA GLY B 311 14.49 3.12 18.83
C GLY B 311 13.84 2.08 19.73
N LEU B 312 14.66 1.33 20.47
CA LEU B 312 14.19 0.26 21.39
C LEU B 312 13.07 0.83 22.27
N LYS B 313 13.16 2.12 22.63
CA LYS B 313 12.22 2.82 23.55
C LYS B 313 11.37 3.82 22.76
N LEU B 314 11.57 3.90 21.44
CA LEU B 314 10.91 4.90 20.55
C LEU B 314 9.70 4.29 19.85
N ARG B 315 9.41 3.00 20.09
CA ARG B 315 8.26 2.29 19.48
C ARG B 315 7.05 2.41 20.40
N GLY B 316 5.91 2.83 19.85
CA GLY B 316 4.64 3.05 20.58
C GLY B 316 4.46 4.51 20.94
N VAL B 317 5.57 5.25 21.08
CA VAL B 317 5.60 6.71 21.37
C VAL B 317 5.19 7.46 20.09
N ALA B 318 4.17 8.30 20.18
CA ALA B 318 3.66 9.15 19.07
C ALA B 318 4.83 9.96 18.48
N LEU B 319 4.75 10.29 17.19
CA LEU B 319 5.79 11.03 16.45
C LEU B 319 5.76 12.51 16.85
N ALA B 320 6.94 13.15 16.89
CA ALA B 320 7.11 14.57 17.29
C ALA B 320 6.45 15.48 16.25
N SER B 321 5.95 16.64 16.70
CA SER B 321 5.35 17.70 15.85
C SER B 321 6.33 18.87 15.73
N SER B 322 7.05 18.95 14.60
CA SER B 322 8.03 20.03 14.29
C SER B 322 9.35 19.74 15.02
N GLY B 323 10.46 20.25 14.46
CA GLY B 323 11.83 20.06 15.01
C GLY B 323 12.43 18.73 14.55
N ILE B 324 13.71 18.77 14.14
CA ILE B 324 14.46 17.58 13.66
C ILE B 324 14.67 16.62 14.83
N ASP B 325 14.14 15.39 14.72
CA ASP B 325 14.33 14.29 15.72
C ASP B 325 15.23 13.23 15.10
N PRO B 326 16.56 13.48 15.03
CA PRO B 326 17.49 12.62 14.29
C PRO B 326 17.26 11.12 14.51
N ALA B 327 17.01 10.72 15.76
CA ALA B 327 16.79 9.30 16.16
C ALA B 327 15.79 8.64 15.21
N ARG B 328 14.63 9.27 15.02
CA ARG B 328 13.52 8.74 14.19
C ARG B 328 13.86 8.88 12.70
N LEU B 329 14.72 9.85 12.35
CA LEU B 329 15.16 10.10 10.95
C LEU B 329 15.77 8.81 10.37
N TYR B 330 16.67 8.17 11.11
CA TYR B 330 17.30 6.87 10.73
C TYR B 330 16.21 5.80 10.64
N LEU B 331 15.35 5.72 11.67
CA LEU B 331 14.30 4.67 11.81
C LEU B 331 13.44 4.61 10.55
N GLY B 332 12.91 5.77 10.11
CA GLY B 332 11.96 5.88 9.00
C GLY B 332 12.65 5.91 7.65
N ASN B 333 13.82 6.56 7.57
CA ASN B 333 14.58 6.79 6.31
C ASN B 333 15.44 5.57 5.96
N CYS B 334 15.88 4.81 6.98
CA CYS B 334 16.89 3.73 6.86
C CYS B 334 16.35 2.40 7.39
N ALA B 335 16.64 2.14 8.67
CA ALA B 335 16.45 0.86 9.40
C ALA B 335 16.05 -0.28 8.45
N THR B 336 14.92 -0.14 7.72
CA THR B 336 14.31 -1.20 6.88
C THR B 336 15.39 -1.87 6.00
N CYS B 337 16.59 -1.29 5.94
CA CYS B 337 17.71 -1.74 5.09
C CYS B 337 18.91 -2.16 5.96
N HIS B 338 19.38 -1.24 6.81
CA HIS B 338 20.52 -1.44 7.74
C HIS B 338 19.99 -2.05 9.05
N GLN B 339 18.67 -2.16 9.17
CA GLN B 339 17.94 -2.74 10.34
C GLN B 339 18.00 -1.74 11.51
N MET B 340 17.04 -1.84 12.44
CA MET B 340 16.82 -0.88 13.56
C MET B 340 18.12 -0.64 14.34
N GLN B 341 18.88 -1.70 14.61
CA GLN B 341 20.07 -1.69 15.51
C GLN B 341 21.32 -1.27 14.72
N GLY B 342 21.22 -1.22 13.39
CA GLY B 342 22.31 -0.82 12.49
C GLY B 342 23.29 -1.95 12.23
N LYS B 343 22.82 -3.19 12.34
CA LYS B 343 23.64 -4.43 12.29
C LYS B 343 23.82 -4.89 10.84
N GLY B 344 22.89 -4.52 9.95
CA GLY B 344 22.86 -4.98 8.55
C GLY B 344 22.51 -6.45 8.46
N THR B 345 21.82 -6.86 7.41
CA THR B 345 21.25 -8.23 7.22
C THR B 345 22.36 -9.28 7.27
N PRO B 346 22.03 -10.53 7.66
CA PRO B 346 22.95 -11.65 7.56
C PRO B 346 23.76 -11.64 6.26
N ASP B 347 23.27 -12.33 5.21
CA ASP B 347 23.93 -12.39 3.88
C ASP B 347 24.32 -10.97 3.48
N GLY B 348 25.41 -10.46 4.08
CA GLY B 348 25.96 -9.11 3.86
C GLY B 348 24.95 -8.15 3.24
N TYR B 349 24.73 -8.27 1.92
CA TYR B 349 24.10 -7.22 1.07
C TYR B 349 24.21 -5.88 1.78
N TYR B 350 23.09 -5.19 2.03
CA TYR B 350 23.07 -3.88 2.74
C TYR B 350 23.86 -4.02 4.04
N PRO B 351 25.03 -3.38 4.15
CA PRO B 351 25.96 -3.63 5.26
C PRO B 351 25.54 -3.01 6.61
N SER B 352 26.12 -3.51 7.70
CA SER B 352 26.02 -2.93 9.06
C SER B 352 26.94 -1.70 9.15
N LEU B 353 26.37 -0.55 9.51
CA LEU B 353 27.06 0.77 9.42
C LEU B 353 27.54 1.21 10.82
N PHE B 354 27.89 0.25 11.69
CA PHE B 354 28.48 0.51 13.03
C PHE B 354 29.93 0.03 13.04
N HIS B 355 30.33 -0.73 12.01
CA HIS B 355 31.72 -1.18 11.79
C HIS B 355 32.08 -0.98 10.31
N ASN B 356 31.66 0.17 9.75
CA ASN B 356 31.94 0.61 8.36
C ASN B 356 33.08 1.62 8.36
N SER B 357 33.61 1.94 7.17
CA SER B 357 34.65 2.98 6.94
C SER B 357 34.00 4.36 6.88
N THR B 358 33.21 4.60 5.83
CA THR B 358 32.52 5.89 5.53
C THR B 358 31.82 6.41 6.79
N VAL B 359 31.07 5.54 7.47
CA VAL B 359 30.25 5.87 8.69
C VAL B 359 31.12 6.59 9.72
N GLY B 360 32.35 6.11 9.93
CA GLY B 360 33.31 6.67 10.89
C GLY B 360 34.67 6.90 10.25
N ALA B 361 34.87 8.07 9.64
CA ALA B 361 36.12 8.48 8.94
C ALA B 361 36.88 9.49 9.81
N SER B 362 36.54 10.77 9.66
CA SER B 362 37.16 11.94 10.35
C SER B 362 36.49 13.21 9.84
N ASN B 363 36.45 13.36 8.51
CA ASN B 363 35.67 14.40 7.78
C ASN B 363 34.59 13.68 6.98
N PRO B 364 33.32 13.68 7.46
CA PRO B 364 32.29 12.80 6.92
C PRO B 364 31.67 13.26 5.59
N SER B 365 32.34 14.15 4.87
CA SER B 365 31.92 14.65 3.54
C SER B 365 31.53 13.47 2.64
N ASN B 366 32.33 12.40 2.68
CA ASN B 366 32.10 11.14 1.92
C ASN B 366 30.88 10.41 2.51
N LEU B 367 30.58 10.65 3.79
CA LEU B 367 29.42 10.06 4.51
C LEU B 367 28.12 10.65 3.95
N VAL B 368 27.82 11.91 4.30
CA VAL B 368 26.62 12.66 3.83
C VAL B 368 26.49 12.48 2.31
N GLN B 369 27.63 12.53 1.60
CA GLN B 369 27.72 12.37 0.12
C GLN B 369 26.79 11.23 -0.31
N VAL B 370 26.80 10.13 0.44
CA VAL B 370 25.98 8.90 0.17
C VAL B 370 24.51 9.19 0.50
N ILE B 371 24.24 9.74 1.68
CA ILE B 371 22.86 10.06 2.16
C ILE B 371 22.16 10.92 1.11
N LEU B 372 22.88 11.88 0.53
CA LEU B 372 22.38 12.80 -0.53
C LEU B 372 21.91 11.99 -1.75
N ASN B 373 22.87 11.44 -2.51
CA ASN B 373 22.63 10.71 -3.79
C ASN B 373 22.29 9.25 -3.48
N GLY B 374 23.30 8.45 -3.13
CA GLY B 374 23.20 7.00 -2.89
C GLY B 374 24.46 6.28 -3.33
N VAL B 375 24.34 5.03 -3.78
CA VAL B 375 25.47 4.24 -4.34
C VAL B 375 24.99 3.52 -5.60
N GLN B 376 25.89 3.32 -6.57
CA GLN B 376 25.61 2.66 -7.87
C GLN B 376 26.74 1.67 -8.19
N ARG B 377 26.73 0.51 -7.53
CA ARG B 377 27.71 -0.59 -7.75
C ARG B 377 27.10 -1.58 -8.75
N LYS B 378 27.50 -1.48 -10.03
CA LYS B 378 26.87 -2.18 -11.17
C LYS B 378 27.62 -3.47 -11.52
N ILE B 379 28.75 -3.72 -10.84
CA ILE B 379 29.68 -4.85 -11.15
C ILE B 379 28.98 -6.19 -10.88
N GLY B 380 29.27 -7.20 -11.71
CA GLY B 380 28.84 -8.60 -11.51
C GLY B 380 27.46 -8.86 -12.11
N SER B 381 27.13 -8.19 -13.22
CA SER B 381 25.82 -8.30 -13.91
C SER B 381 24.72 -8.58 -12.86
N GLU B 382 24.83 -7.93 -11.70
CA GLU B 382 23.90 -8.04 -10.55
C GLU B 382 24.14 -6.83 -9.64
N ASP B 383 23.93 -5.62 -10.19
CA ASP B 383 24.37 -4.32 -9.60
C ASP B 383 23.55 -3.99 -8.35
N ILE B 384 24.13 -3.15 -7.47
CA ILE B 384 23.53 -2.70 -6.18
C ILE B 384 23.12 -1.23 -6.33
N GLY B 385 22.79 -0.57 -5.21
CA GLY B 385 22.50 0.88 -5.17
C GLY B 385 21.66 1.26 -3.97
N MET B 386 22.26 1.99 -3.02
CA MET B 386 21.54 2.71 -1.93
C MET B 386 20.86 3.93 -2.55
N PRO B 387 19.52 4.05 -2.43
CA PRO B 387 18.77 5.08 -3.15
C PRO B 387 19.15 6.51 -2.74
N ALA B 388 18.43 7.50 -3.29
CA ALA B 388 18.68 8.95 -3.14
C ALA B 388 17.94 9.50 -1.92
N PHE B 389 18.43 10.60 -1.36
CA PHE B 389 17.83 11.35 -0.23
C PHE B 389 18.09 12.84 -0.41
N ARG B 390 18.23 13.27 -1.67
CA ARG B 390 18.54 14.67 -2.06
C ARG B 390 17.25 15.48 -2.11
N TYR B 391 16.12 14.83 -2.40
CA TYR B 391 14.79 15.47 -2.63
C TYR B 391 13.82 15.12 -1.48
N ASP B 392 14.18 14.17 -0.63
CA ASP B 392 13.31 13.65 0.46
C ASP B 392 13.88 14.04 1.82
N LEU B 393 14.94 14.86 1.84
CA LEU B 393 15.60 15.35 3.08
C LEU B 393 16.15 16.77 2.87
N ASN B 394 16.14 17.58 3.93
CA ASN B 394 16.64 18.98 3.93
C ASN B 394 18.07 19.01 4.48
N ASP B 395 18.84 20.04 4.12
CA ASP B 395 20.25 20.23 4.55
C ASP B 395 20.34 20.11 6.08
N ALA B 396 19.33 20.60 6.78
CA ALA B 396 19.23 20.57 8.27
C ALA B 396 18.83 19.16 8.73
N GLN B 397 17.81 18.57 8.09
CA GLN B 397 17.34 17.19 8.35
C GLN B 397 18.51 16.21 8.18
N ILE B 398 19.28 16.38 7.11
CA ILE B 398 20.45 15.51 6.74
C ILE B 398 21.55 15.69 7.79
N ALA B 399 22.00 16.93 7.99
CA ALA B 399 23.10 17.31 8.91
C ALA B 399 22.84 16.76 10.30
N ALA B 400 21.59 16.85 10.78
CA ALA B 400 21.15 16.38 12.11
C ALA B 400 21.16 14.85 12.16
N LEU B 401 20.86 14.20 11.04
CA LEU B 401 20.90 12.72 10.88
C LEU B 401 22.35 12.25 10.92
N THR B 402 23.21 12.90 10.11
CA THR B 402 24.67 12.66 10.04
C THR B 402 25.27 12.63 11.45
N ASN B 403 25.01 13.69 12.23
CA ASN B 403 25.54 13.87 13.61
C ASN B 403 25.10 12.67 14.47
N TYR B 404 23.84 12.25 14.34
CA TYR B 404 23.27 11.07 15.06
C TYR B 404 24.02 9.81 14.61
N VAL B 405 24.06 9.56 13.29
CA VAL B 405 24.74 8.40 12.66
C VAL B 405 26.14 8.28 13.28
N THR B 406 27.08 9.10 12.81
CA THR B 406 28.49 9.18 13.30
C THR B 406 28.54 8.91 14.80
N ALA B 407 27.95 9.81 15.60
CA ALA B 407 28.01 9.80 17.09
C ALA B 407 27.68 8.41 17.63
N GLN B 408 26.64 7.77 17.11
CA GLN B 408 26.08 6.50 17.64
C GLN B 408 26.48 5.33 16.73
N PHE B 409 27.54 5.50 15.94
CA PHE B 409 28.06 4.46 15.00
C PHE B 409 29.57 4.68 14.77
N GLY B 410 29.94 5.84 14.22
CA GLY B 410 31.34 6.21 13.95
C GLY B 410 31.94 6.99 15.10
N ASN B 411 33.17 7.49 14.91
CA ASN B 411 33.91 8.31 15.92
C ASN B 411 33.37 9.74 15.88
N PRO B 412 32.49 10.11 16.84
CA PRO B 412 31.74 11.36 16.75
C PRO B 412 32.61 12.63 16.79
N ALA B 413 33.82 12.53 17.33
CA ALA B 413 34.76 13.65 17.53
C ALA B 413 34.71 14.60 16.32
N ALA B 414 35.11 14.12 15.14
CA ALA B 414 35.23 14.90 13.89
C ALA B 414 33.87 14.95 13.17
N LYS B 415 32.89 14.19 13.65
CA LYS B 415 31.49 14.23 13.16
C LYS B 415 30.97 15.67 13.24
N VAL B 416 31.15 16.45 12.17
CA VAL B 416 30.74 17.88 12.08
C VAL B 416 29.44 17.97 11.26
N THR B 417 29.56 18.30 9.96
CA THR B 417 28.43 18.38 9.00
C THR B 417 27.44 19.46 9.45
N GLU B 418 27.93 20.61 9.92
CA GLU B 418 27.09 21.74 10.39
C GLU B 418 26.71 22.61 9.19
N GLN B 419 25.74 22.14 8.39
CA GLN B 419 25.17 22.85 7.22
C GLN B 419 26.20 22.90 6.09
N ASP B 420 27.19 22.00 6.13
CA ASP B 420 28.12 21.72 5.00
C ASP B 420 27.32 21.00 3.90
N VAL B 421 26.17 20.45 4.29
CA VAL B 421 25.20 19.75 3.40
C VAL B 421 24.97 20.59 2.13
N ALA B 422 24.44 21.81 2.31
CA ALA B 422 24.07 22.75 1.22
C ALA B 422 25.23 22.89 0.24
N LYS B 423 26.44 23.09 0.76
CA LYS B 423 27.69 23.29 -0.05
C LYS B 423 27.97 22.04 -0.88
N LEU B 424 27.57 20.86 -0.37
CA LEU B 424 27.76 19.55 -1.05
C LEU B 424 26.74 19.38 -2.18
N ARG B 425 25.64 20.14 -2.13
CA ARG B 425 24.60 20.18 -3.20
C ARG B 425 25.04 21.14 -4.31
N THR C 5 18.26 -5.53 44.03
CA THR C 5 17.09 -6.40 43.71
C THR C 5 15.86 -5.51 43.47
N ALA C 6 15.79 -4.86 42.31
CA ALA C 6 14.71 -3.92 41.90
C ALA C 6 13.57 -4.70 41.25
N PRO C 7 12.31 -4.22 41.38
CA PRO C 7 11.19 -4.79 40.62
C PRO C 7 11.43 -4.59 39.12
N LEU C 8 12.23 -5.49 38.53
CA LEU C 8 12.74 -5.40 37.14
C LEU C 8 13.64 -6.62 36.89
N ASP C 9 14.55 -6.89 37.84
CA ASP C 9 15.36 -8.13 37.92
C ASP C 9 14.41 -9.32 38.07
N THR C 10 13.46 -9.21 38.99
CA THR C 10 12.40 -10.23 39.26
C THR C 10 11.63 -10.49 37.95
N PHE C 11 11.14 -9.44 37.31
CA PHE C 11 10.38 -9.49 36.03
C PHE C 11 11.22 -10.21 34.96
N MET C 12 12.41 -9.66 34.67
CA MET C 12 13.35 -10.17 33.65
C MET C 12 13.47 -11.69 33.78
N THR C 13 13.87 -12.17 34.96
CA THR C 13 14.14 -13.60 35.25
C THR C 13 12.82 -14.37 35.34
N LEU C 14 11.70 -13.65 35.52
CA LEU C 14 10.33 -14.22 35.49
C LEU C 14 9.89 -14.39 34.03
N SER C 15 10.41 -13.52 33.15
CA SER C 15 10.11 -13.48 31.69
C SER C 15 10.87 -14.61 30.98
N GLU C 16 12.17 -14.73 31.26
CA GLU C 16 13.06 -15.79 30.70
C GLU C 16 12.47 -17.16 31.05
N SER C 17 11.79 -17.26 32.20
CA SER C 17 11.14 -18.50 32.70
C SER C 17 9.95 -18.87 31.81
N LEU C 18 9.19 -17.87 31.37
CA LEU C 18 7.94 -18.03 30.59
C LEU C 18 8.25 -18.08 29.09
N THR C 19 9.10 -17.16 28.62
CA THR C 19 9.48 -17.00 27.19
C THR C 19 10.43 -18.14 26.79
N GLY C 20 11.27 -18.60 27.71
CA GLY C 20 12.27 -19.66 27.49
C GLY C 20 13.43 -19.16 26.64
N LYS C 21 13.58 -17.84 26.55
CA LYS C 21 14.64 -17.15 25.76
C LYS C 21 15.63 -16.49 26.73
N LYS C 22 16.89 -16.33 26.31
CA LYS C 22 17.95 -15.65 27.09
C LYS C 22 18.42 -14.41 26.33
N GLY C 23 18.82 -13.35 27.05
CA GLY C 23 19.40 -12.12 26.49
C GLY C 23 18.34 -11.07 26.20
N LEU C 24 17.16 -11.19 26.80
CA LEU C 24 16.04 -10.21 26.71
C LEU C 24 16.56 -8.83 27.14
N SER C 25 16.27 -7.78 26.36
CA SER C 25 16.70 -6.39 26.64
C SER C 25 15.86 -5.83 27.80
N ARG C 26 16.53 -5.47 28.90
CA ARG C 26 15.90 -4.89 30.11
C ARG C 26 15.25 -3.55 29.77
N VAL C 27 15.71 -2.92 28.67
CA VAL C 27 15.16 -1.64 28.15
C VAL C 27 13.69 -1.86 27.79
N ILE C 28 13.40 -2.91 27.01
CA ILE C 28 12.02 -3.33 26.62
C ILE C 28 11.29 -3.81 27.88
N GLY C 29 11.91 -4.72 28.64
CA GLY C 29 11.34 -5.34 29.85
C GLY C 29 10.74 -4.32 30.80
N GLU C 30 11.33 -3.13 30.89
CA GLU C 30 10.88 -2.03 31.77
C GLU C 30 9.61 -1.40 31.17
N ARG C 31 9.65 -1.08 29.88
CA ARG C 31 8.49 -0.52 29.12
C ARG C 31 7.29 -1.45 29.31
N LEU C 32 7.45 -2.74 28.99
CA LEU C 32 6.44 -3.80 29.26
C LEU C 32 6.00 -3.67 30.72
N LEU C 33 6.98 -3.61 31.63
CA LEU C 33 6.75 -3.46 33.10
C LEU C 33 5.78 -2.30 33.33
N GLN C 34 6.16 -1.10 32.86
CA GLN C 34 5.38 0.16 33.06
C GLN C 34 3.94 -0.05 32.60
N ALA C 35 3.76 -0.65 31.41
CA ALA C 35 2.44 -0.82 30.75
C ALA C 35 1.63 -1.90 31.48
N LEU C 36 2.27 -3.00 31.88
CA LEU C 36 1.63 -4.12 32.61
C LEU C 36 1.00 -3.57 33.90
N GLN C 37 1.74 -2.77 34.66
CA GLN C 37 1.26 -2.04 35.86
C GLN C 37 0.72 -0.67 35.40
N LYS C 38 0.20 0.12 36.34
CA LYS C 38 -0.21 1.53 36.11
C LYS C 38 0.96 2.43 36.51
N GLY C 39 0.71 3.37 37.43
CA GLY C 39 1.75 4.05 38.21
C GLY C 39 1.93 3.35 39.55
N SER C 40 1.55 2.07 39.58
CA SER C 40 1.36 1.25 40.82
C SER C 40 2.57 0.34 41.05
N PHE C 41 2.62 -0.27 42.25
CA PHE C 41 3.60 -1.33 42.63
C PHE C 41 2.85 -2.64 42.82
N LYS C 42 1.52 -2.57 42.95
CA LYS C 42 0.62 -3.72 43.18
C LYS C 42 0.96 -4.83 42.19
N THR C 43 1.45 -4.45 40.99
CA THR C 43 1.90 -5.38 39.91
C THR C 43 3.39 -5.69 40.12
N ALA C 44 4.18 -4.69 40.50
CA ALA C 44 5.65 -4.77 40.68
C ALA C 44 5.96 -5.85 41.74
N ASP C 45 5.04 -6.02 42.70
CA ASP C 45 5.09 -7.09 43.73
C ASP C 45 4.32 -8.30 43.21
N SER C 46 4.14 -9.33 44.04
CA SER C 46 3.46 -10.60 43.70
C SER C 46 4.24 -11.35 42.61
N LEU C 47 5.21 -10.68 41.98
CA LEU C 47 6.13 -11.30 40.98
C LEU C 47 6.93 -12.41 41.67
N PRO C 48 7.77 -12.08 42.68
CA PRO C 48 8.49 -13.10 43.44
C PRO C 48 7.55 -14.25 43.88
N GLN C 49 6.38 -13.91 44.42
CA GLN C 49 5.35 -14.88 44.89
C GLN C 49 4.97 -15.82 43.74
N LEU C 50 4.93 -15.29 42.51
CA LEU C 50 4.56 -16.05 41.28
C LEU C 50 5.71 -16.98 40.88
N ALA C 51 6.92 -16.41 40.71
CA ALA C 51 8.15 -17.14 40.32
C ALA C 51 8.25 -18.45 41.11
N GLY C 52 7.82 -18.43 42.38
CA GLY C 52 7.83 -19.59 43.29
C GLY C 52 6.81 -20.64 42.88
N ALA C 53 5.57 -20.23 42.63
CA ALA C 53 4.44 -21.09 42.22
C ALA C 53 4.75 -21.72 40.85
N LEU C 54 5.23 -20.91 39.90
CA LEU C 54 5.61 -21.33 38.53
C LEU C 54 6.74 -22.36 38.61
N ALA C 55 7.95 -21.93 38.98
CA ALA C 55 9.18 -22.75 39.09
C ALA C 55 9.03 -23.72 40.27
N SER C 56 7.88 -24.40 40.37
CA SER C 56 7.56 -25.37 41.43
C SER C 56 6.33 -26.19 41.01
N GLY C 57 5.33 -26.28 41.89
CA GLY C 57 4.11 -27.09 41.70
C GLY C 57 3.01 -26.33 40.98
N SER C 58 1.75 -26.59 41.34
CA SER C 58 0.52 -26.02 40.73
C SER C 58 0.55 -24.49 40.85
N LEU C 59 -0.14 -23.81 39.93
CA LEU C 59 -0.31 -22.34 39.89
C LEU C 59 -1.79 -22.01 40.17
N THR C 60 -2.06 -21.02 41.03
CA THR C 60 -3.43 -20.56 41.37
C THR C 60 -4.04 -19.88 40.14
N PRO C 61 -5.32 -20.15 39.82
CA PRO C 61 -5.95 -19.62 38.62
C PRO C 61 -5.48 -18.21 38.25
N GLU C 62 -5.78 -17.21 39.09
CA GLU C 62 -5.55 -15.77 38.81
C GLU C 62 -4.04 -15.47 38.84
N GLN C 63 -3.22 -16.43 39.27
CA GLN C 63 -1.74 -16.33 39.24
C GLN C 63 -1.27 -16.71 37.83
N GLU C 64 -2.07 -17.51 37.12
CA GLU C 64 -1.84 -17.90 35.70
C GLU C 64 -2.09 -16.70 34.80
N SER C 65 -3.25 -16.05 34.95
CA SER C 65 -3.68 -14.86 34.17
C SER C 65 -2.54 -13.84 34.10
N LEU C 66 -1.79 -13.69 35.21
CA LEU C 66 -0.65 -12.74 35.32
C LEU C 66 0.45 -13.16 34.34
N ALA C 67 0.88 -14.42 34.42
CA ALA C 67 1.89 -15.03 33.51
C ALA C 67 1.46 -14.78 32.06
N LEU C 68 0.28 -15.32 31.68
CA LEU C 68 -0.28 -15.25 30.31
C LEU C 68 -0.05 -13.84 29.74
N THR C 69 -0.29 -12.82 30.56
CA THR C 69 -0.16 -11.38 30.18
C THR C 69 1.30 -11.07 29.86
N ILE C 70 2.23 -11.46 30.74
CA ILE C 70 3.69 -11.23 30.60
C ILE C 70 4.16 -11.86 29.29
N LEU C 71 3.64 -13.05 28.96
CA LEU C 71 3.93 -13.77 27.70
C LEU C 71 3.54 -12.88 26.51
N GLU C 72 2.25 -12.55 26.42
CA GLU C 72 1.68 -11.72 25.32
C GLU C 72 2.50 -10.43 25.17
N ALA C 73 2.79 -9.76 26.30
CA ALA C 73 3.55 -8.49 26.35
C ALA C 73 4.84 -8.62 25.55
N TRP C 74 5.53 -9.76 25.67
CA TRP C 74 6.86 -10.01 25.07
C TRP C 74 6.72 -10.42 23.60
N TYR C 75 5.82 -11.38 23.32
CA TYR C 75 5.62 -12.00 21.99
C TYR C 75 4.96 -11.01 21.02
N LEU C 76 3.76 -10.54 21.36
CA LEU C 76 2.93 -9.65 20.49
C LEU C 76 3.53 -8.23 20.47
N GLY C 77 3.99 -7.75 21.63
CA GLY C 77 4.68 -6.45 21.76
C GLY C 77 3.71 -5.31 22.05
N ILE C 78 2.41 -5.62 22.13
CA ILE C 78 1.33 -4.63 22.41
C ILE C 78 0.61 -5.02 23.71
N VAL C 79 0.38 -4.03 24.58
CA VAL C 79 -0.36 -4.17 25.87
C VAL C 79 -1.44 -3.08 25.94
N ASP C 80 -2.69 -3.48 26.18
CA ASP C 80 -3.86 -2.57 26.30
C ASP C 80 -4.10 -1.88 24.95
N ASN C 81 -3.65 -2.50 23.85
CA ASN C 81 -3.83 -2.03 22.46
C ASN C 81 -2.87 -0.88 22.16
N VAL C 82 -1.64 -0.96 22.68
CA VAL C 82 -0.55 0.02 22.43
C VAL C 82 0.74 -0.74 22.13
N VAL C 83 1.41 -0.39 21.02
CA VAL C 83 2.68 -1.03 20.57
C VAL C 83 3.83 -0.52 21.44
N ILE C 84 4.37 -1.40 22.30
CA ILE C 84 5.55 -1.10 23.18
C ILE C 84 6.81 -1.57 22.46
N THR C 85 6.70 -2.63 21.66
CA THR C 85 7.83 -3.26 20.91
C THR C 85 7.28 -4.04 19.71
N TYR C 86 7.98 -3.98 18.57
CA TYR C 86 7.59 -4.63 17.29
C TYR C 86 8.76 -5.48 16.77
N GLU C 87 9.96 -4.89 16.70
CA GLU C 87 11.19 -5.53 16.20
C GLU C 87 11.60 -6.68 17.14
N GLU C 88 11.62 -6.41 18.45
CA GLU C 88 12.10 -7.34 19.50
C GLU C 88 10.98 -8.29 19.91
N ALA C 89 9.77 -8.08 19.40
CA ALA C 89 8.59 -8.96 19.60
C ALA C 89 9.02 -10.41 19.34
N LEU C 90 8.80 -11.28 20.31
CA LEU C 90 9.46 -12.62 20.42
C LEU C 90 8.88 -13.61 19.39
N MET C 91 7.69 -13.33 18.84
CA MET C 91 7.00 -14.25 17.90
C MET C 91 7.75 -14.29 16.57
N PHE C 92 8.50 -13.23 16.25
CA PHE C 92 9.15 -13.00 14.94
C PHE C 92 10.51 -13.70 14.87
N GLY C 93 11.06 -14.07 16.03
CA GLY C 93 12.41 -14.67 16.13
C GLY C 93 12.38 -16.08 16.70
N VAL C 94 11.42 -16.91 16.27
CA VAL C 94 11.25 -18.31 16.73
C VAL C 94 11.39 -19.26 15.52
N VAL C 95 11.45 -18.71 14.30
CA VAL C 95 11.72 -19.47 13.05
C VAL C 95 12.93 -18.82 12.35
N SER C 96 13.45 -17.75 12.96
CA SER C 96 14.52 -16.87 12.43
C SER C 96 15.54 -17.67 11.60
N ASP C 97 16.73 -17.90 12.17
CA ASP C 97 17.98 -18.22 11.42
C ASP C 97 18.37 -16.96 10.65
N THR C 98 17.37 -16.26 10.11
CA THR C 98 17.43 -14.87 9.60
C THR C 98 16.06 -14.22 9.82
N LEU C 99 15.97 -13.26 10.75
CA LEU C 99 14.70 -12.64 11.22
C LEU C 99 13.95 -12.04 10.01
N VAL C 100 12.64 -12.27 9.94
CA VAL C 100 11.74 -11.76 8.86
C VAL C 100 11.27 -10.35 9.22
N ILE C 101 10.23 -10.27 10.06
CA ILE C 101 9.66 -8.99 10.60
C ILE C 101 9.16 -8.13 9.42
N ARG C 102 7.87 -7.80 9.42
CA ARG C 102 7.18 -7.07 8.33
C ARG C 102 7.49 -5.57 8.43
N SER C 103 8.16 -5.02 7.42
CA SER C 103 8.56 -3.59 7.30
C SER C 103 10.09 -3.46 7.31
N TYR C 104 10.78 -4.60 7.39
CA TYR C 104 12.27 -4.70 7.38
C TYR C 104 12.69 -5.79 6.38
N CYS C 105 13.78 -5.55 5.63
CA CYS C 105 14.30 -6.47 4.58
C CYS C 105 15.23 -7.52 5.21
N PRO C 106 14.87 -8.81 5.19
CA PRO C 106 15.81 -9.88 5.51
C PRO C 106 16.73 -10.18 4.33
N ASN C 107 18.03 -10.33 4.59
CA ASN C 107 19.08 -10.60 3.57
C ASN C 107 18.88 -9.63 2.39
N LYS C 108 18.71 -10.15 1.18
CA LYS C 108 18.67 -9.35 -0.08
C LYS C 108 17.63 -9.91 -1.03
N PRO C 109 17.50 -9.30 -2.24
CA PRO C 109 16.42 -9.61 -3.18
C PRO C 109 15.97 -11.09 -3.22
N GLY C 110 16.76 -11.95 -3.88
CA GLY C 110 16.36 -13.32 -4.21
C GLY C 110 16.17 -14.20 -2.98
N PHE C 111 16.30 -13.61 -1.78
CA PHE C 111 16.39 -14.34 -0.49
C PHE C 111 15.24 -15.35 -0.36
N TRP C 112 14.09 -15.07 -0.97
CA TRP C 112 12.83 -15.83 -0.76
C TRP C 112 12.68 -16.94 -1.80
N ALA C 113 13.67 -17.14 -2.66
CA ALA C 113 13.68 -18.18 -3.72
C ALA C 113 13.70 -19.57 -3.08
N ASP C 114 14.80 -19.90 -2.38
CA ASP C 114 15.04 -21.23 -1.76
C ASP C 114 14.14 -21.38 -0.53
N LYS C 115 14.09 -22.60 0.04
CA LYS C 115 13.21 -23.00 1.17
C LYS C 115 13.74 -22.38 2.47
N PRO C 116 12.86 -21.76 3.29
CA PRO C 116 13.26 -21.21 4.58
C PRO C 116 13.86 -22.28 5.50
N ILE C 117 14.90 -21.92 6.26
CA ILE C 117 15.64 -22.85 7.18
C ILE C 117 14.94 -22.86 8.54
N GLU C 118 13.89 -23.67 8.68
CA GLU C 118 13.13 -23.85 9.95
C GLU C 118 14.11 -23.98 11.10
N ARG C 119 13.77 -23.42 12.28
CA ARG C 119 14.67 -23.41 13.47
C ARG C 119 14.19 -24.45 14.48
N GLN C 120 15.04 -24.75 15.47
CA GLN C 120 14.80 -25.75 16.56
C GLN C 120 14.18 -27.02 15.96
N ALA C 121 14.81 -27.56 14.91
CA ALA C 121 14.40 -28.80 14.20
C ALA C 121 15.59 -29.35 13.42
PA FAD D . -5.91 8.56 -6.40
O1A FAD D . -4.70 7.68 -6.42
O2A FAD D . -7.08 8.15 -5.56
O5B FAD D . -5.48 10.06 -6.04
C5B FAD D . -6.52 11.06 -5.93
C4B FAD D . -5.89 12.41 -5.69
O4B FAD D . -6.90 13.44 -5.84
C3B FAD D . -5.29 12.63 -4.29
O3B FAD D . -4.08 13.37 -4.38
C2B FAD D . -6.38 13.43 -3.57
O2B FAD D . -5.85 14.22 -2.52
C1B FAD D . -6.90 14.28 -4.72
N9A FAD D . -8.26 14.79 -4.53
C8A FAD D . -9.40 14.07 -4.28
N7A FAD D . -10.46 14.83 -4.16
C5A FAD D . -9.98 16.13 -4.33
C6A FAD D . -10.62 17.39 -4.32
N6A FAD D . -11.91 17.56 -4.12
N1A FAD D . -9.84 18.47 -4.53
C2A FAD D . -8.52 18.29 -4.73
N3A FAD D . -7.83 17.16 -4.77
C4A FAD D . -8.62 16.11 -4.56
N1 FAD D . -4.70 -0.63 -7.92
C2 FAD D . -4.03 -1.48 -8.74
O2 FAD D . -4.00 -1.31 -9.96
N3 FAD D . -3.37 -2.57 -8.25
C4 FAD D . -3.35 -2.86 -6.91
O4 FAD D . -2.75 -3.86 -6.52
C4X FAD D . -4.03 -2.00 -6.03
N5 FAD D . -4.02 -2.27 -4.76
C5X FAD D . -4.68 -1.41 -3.93
C6 FAD D . -4.66 -1.69 -2.55
C7 FAD D . -5.29 -0.87 -1.65
C7M FAD D . -5.25 -1.19 -0.17
C8 FAD D . -5.98 0.27 -2.10
C8M FAD D . -6.66 1.19 -1.12
C9 FAD D . -6.01 0.55 -3.46
C9A FAD D . -5.37 -0.27 -4.40
N10 FAD D . -5.37 -0.02 -5.77
C10 FAD D . -4.70 -0.87 -6.63
C1' FAD D . -6.12 1.14 -6.29
C2' FAD D . -5.23 2.31 -6.66
O2' FAD D . -4.53 2.78 -5.52
C3' FAD D . -6.10 3.44 -7.24
O3' FAD D . -7.08 2.87 -8.10
C4' FAD D . -5.30 4.49 -8.01
O4' FAD D . -4.19 4.91 -7.22
C5' FAD D . -6.12 5.70 -8.38
O5' FAD D . -5.24 6.77 -8.82
P FAD D . -5.86 8.18 -9.29
O1P FAD D . -4.75 9.06 -9.75
O2P FAD D . -7.00 7.92 -10.21
O3P FAD D . -6.42 8.74 -7.90
FE1 F3S E . 9.20 -5.74 -1.83
FE3 F3S E . 9.05 -3.08 -0.46
FE4 F3S E . 6.52 -4.79 -0.66
S1 F3S E . 10.71 -4.21 -1.38
S2 F3S E . 7.33 -6.75 -1.20
S3 F3S E . 7.93 -3.96 -2.12
S4 F3S E . 7.04 -2.97 0.46
CHA HEM F . 25.75 1.72 2.04
CHB HEM F . 24.07 5.28 4.86
CHC HEM F . 19.50 4.13 3.58
CHD HEM F . 21.20 0.35 1.08
C1A HEM F . 25.66 2.79 2.90
C2A HEM F . 26.77 3.46 3.44
C3A HEM F . 26.31 4.45 4.23
C4A HEM F . 24.91 4.41 4.20
CMA HEM F . 27.16 5.42 5.02
CAA HEM F . 28.22 3.12 3.18
CBA HEM F . 28.54 3.32 1.70
CGA HEM F . 29.77 4.18 1.57
O1A HEM F . 29.69 5.43 1.73
O2A HEM F . 30.89 3.67 1.32
C1B HEM F . 22.69 5.25 4.72
C2B HEM F . 21.85 6.22 5.35
C3B HEM F . 20.57 5.93 5.00
C4B HEM F . 20.63 4.73 4.12
CMB HEM F . 22.31 7.35 6.23
CAB HEM F . 19.37 6.68 5.41
CBB HEM F . 19.48 7.76 6.18
C1C HEM F . 19.57 2.99 2.79
C2C HEM F . 18.46 2.30 2.26
C3C HEM F . 18.95 1.22 1.56
C4C HEM F . 20.37 1.26 1.66
CMC HEM F . 17.01 2.66 2.44
CAC HEM F . 18.18 0.21 0.82
CBC HEM F . 16.85 0.25 0.81
C1D HEM F . 22.59 0.46 1.16
C2D HEM F . 23.47 -0.47 0.43
C3D HEM F . 24.73 -0.08 0.69
C4D HEM F . 24.61 1.08 1.57
CMD HEM F . 23.02 -1.63 -0.43
CAD HEM F . 26.02 -0.71 0.20
CBD HEM F . 25.79 -1.67 -0.97
CGD HEM F . 26.32 -3.04 -0.62
O1D HEM F . 26.97 -3.21 0.43
O2D HEM F . 26.11 -4.01 -1.37
NA HEM F . 24.52 3.39 3.38
NB HEM F . 21.93 4.39 4.00
NC HEM F . 20.71 2.35 2.41
ND HEM F . 23.32 1.37 1.82
FE HEM F . 22.70 2.77 2.88
#